data_8AXI
#
_entry.id   8AXI
#
_cell.length_a   103.920
_cell.length_b   51.510
_cell.length_c   118.470
_cell.angle_alpha   90.000
_cell.angle_beta   93.150
_cell.angle_gamma   90.000
#
_symmetry.space_group_name_H-M   'P 1 21 1'
#
loop_
_entity.id
_entity.type
_entity.pdbx_description
1 polymer 'Sialidase domain-containing protein'
2 branched beta-D-galactopyranose-(1-3)-2-acetamido-2-deoxy-beta-D-gulopyranose
3 non-polymer '2-DEOXY-2,3-DEHYDRO-N-ACETYL-NEURAMINIC ACID'
4 non-polymer beta-D-galactopyranose
5 non-polymer 1,2-ETHANEDIOL
6 non-polymer 'CHLORIDE ION'
7 non-polymer 'CALCIUM ION'
8 water water
#
_entity_poly.entity_id   1
_entity_poly.type   'polypeptide(L)'
_entity_poly.pdbx_seq_one_letter_code
;MAPVPEPEVVATPPADAGRGLIRVDSREIRHYSGTRKEPDYLVSRDNGKTWEMKAAPAGYPPNYGGIPKESPAIVRNPLT
REFIRVQPIGGFVFLSRGGLDGKWLAVTNDGKLEEDWKDPEKRKNLKKLGGIMRTPVFVNKGRRVIVPFHNMGGGTKFHI
SDDGGLTWHVSRNGVTSPRHEARPPHQGVRWFNNAVEATVLEMKDGTLWALARTSQDQAWQAFSKDYGETWSKPEPSRFF
GTLTMNTLGRLDDGTIVSLWTNTMALPENATAGNGTWEDVFTNRDSHHIAMSGDEGKTWYGFREIILDEHRNHPGYATLD
GPEDRGKHQSEMVQLDKNRILISLGQHKNHRRLVIVDRRWVGAKTRATQTGKDLDSQWTIHTYIPQKKGHCSYNRKPSAE
LVQDPSGGTKKVLQIKRLDDPELVNEKSNVDYRNGGATWNFPNGTTGLVKFRFRVVDGEQADDSGLQVSLTDRLFNACDS
TTKDYALFTFPIRLKPAPHLLLGMKKVPFTPGAWHEISLLWQGGQAVVSLDGKKAGTLKMANKSPNGASYIHFISTGSQP
DAGILLDTVNARVKLE
;
_entity_poly.pdbx_strand_id   A,B
#
# COMPACT_ATOMS: atom_id res chain seq x y z
N VAL A 4 14.23 44.60 9.79
CA VAL A 4 14.78 43.26 9.57
C VAL A 4 13.68 42.27 9.18
N PRO A 5 13.94 41.44 8.17
CA PRO A 5 12.90 40.53 7.64
C PRO A 5 12.63 39.38 8.59
N GLU A 6 11.37 39.28 9.03
CA GLU A 6 10.95 38.20 9.91
C GLU A 6 10.87 36.87 9.16
N PRO A 7 10.88 35.74 9.88
CA PRO A 7 10.72 34.44 9.22
C PRO A 7 9.47 34.38 8.37
N GLU A 8 9.58 33.72 7.21
CA GLU A 8 8.49 33.67 6.23
C GLU A 8 8.19 32.23 5.88
N VAL A 9 6.97 31.77 6.14
CA VAL A 9 6.53 30.47 5.67
C VAL A 9 6.32 30.53 4.17
N VAL A 10 6.92 29.60 3.43
CA VAL A 10 6.81 29.57 1.97
C VAL A 10 6.10 28.35 1.44
N ALA A 11 5.97 27.26 2.20
CA ALA A 11 5.37 26.04 1.66
C ALA A 11 5.21 25.04 2.80
N THR A 12 4.53 23.93 2.50
CA THR A 12 4.46 22.77 3.38
C THR A 12 5.25 21.66 2.71
N PRO A 13 6.30 21.09 3.30
CA PRO A 13 7.03 20.00 2.64
C PRO A 13 6.18 18.76 2.55
N PRO A 14 6.47 17.85 1.61
CA PRO A 14 5.65 16.65 1.40
C PRO A 14 6.01 15.47 2.29
N ALA A 15 6.94 15.69 3.23
CA ALA A 15 7.29 14.73 4.26
C ALA A 15 7.62 15.53 5.49
N ASP A 16 7.60 14.85 6.63
CA ASP A 16 8.11 15.47 7.84
C ASP A 16 9.54 15.97 7.60
N ALA A 17 9.94 16.99 8.33
CA ALA A 17 11.26 17.58 8.09
C ALA A 17 12.38 16.70 8.63
N GLY A 18 13.59 16.95 8.11
CA GLY A 18 14.82 16.39 8.64
C GLY A 18 15.64 15.62 7.61
N ARG A 19 15.01 15.20 6.52
CA ARG A 19 15.67 14.46 5.45
C ARG A 19 14.96 14.81 4.15
N GLY A 20 15.71 14.91 3.06
CA GLY A 20 15.12 15.01 1.74
C GLY A 20 15.18 16.37 1.10
N LEU A 21 15.62 17.41 1.82
CA LEU A 21 15.74 18.74 1.26
C LEU A 21 17.11 18.84 0.62
N ILE A 22 17.18 19.19 -0.68
CA ILE A 22 18.45 19.10 -1.42
C ILE A 22 18.48 20.18 -2.48
N ARG A 23 19.55 20.96 -2.48
CA ARG A 23 19.78 21.89 -3.60
C ARG A 23 20.23 21.15 -4.85
N VAL A 24 19.60 21.46 -5.97
CA VAL A 24 19.98 20.89 -7.27
C VAL A 24 20.98 21.79 -7.99
N ASP A 25 20.70 23.08 -8.07
CA ASP A 25 21.60 24.04 -8.70
C ASP A 25 21.34 25.40 -8.06
N SER A 26 21.85 26.47 -8.67
CA SER A 26 21.79 27.77 -8.01
C SER A 26 20.36 28.27 -7.82
N ARG A 27 19.40 27.79 -8.60
CA ARG A 27 18.02 28.24 -8.51
C ARG A 27 17.01 27.15 -8.16
N GLU A 28 17.36 25.88 -8.28
CA GLU A 28 16.44 24.76 -8.05
C GLU A 28 16.73 24.03 -6.76
N ILE A 29 15.71 23.87 -5.94
CA ILE A 29 15.79 23.15 -4.68
C ILE A 29 14.61 22.19 -4.62
N ARG A 30 14.83 20.99 -4.10
CA ARG A 30 13.78 19.98 -4.02
C ARG A 30 13.63 19.47 -2.59
N HIS A 31 12.44 18.99 -2.27
CA HIS A 31 12.22 18.22 -1.05
C HIS A 31 11.56 16.93 -1.45
N TYR A 32 12.26 15.81 -1.27
CA TYR A 32 11.71 14.52 -1.64
C TYR A 32 10.73 14.07 -0.56
N SER A 33 10.14 12.89 -0.76
CA SER A 33 9.03 12.43 0.07
C SER A 33 9.18 10.95 0.39
N GLY A 34 8.41 10.49 1.37
CA GLY A 34 8.36 9.08 1.71
C GLY A 34 7.30 8.27 0.98
N THR A 35 6.77 8.78 -0.12
CA THR A 35 5.66 8.07 -0.78
C THR A 35 6.03 6.61 -1.05
N ARG A 36 5.06 5.73 -0.89
CA ARG A 36 5.16 4.34 -1.29
C ARG A 36 4.81 4.13 -2.74
N LYS A 37 4.30 5.15 -3.42
CA LYS A 37 3.93 5.02 -4.83
C LYS A 37 5.09 5.53 -5.69
N GLU A 38 4.79 5.99 -6.89
CA GLU A 38 5.86 6.49 -7.76
C GLU A 38 6.51 7.70 -7.10
N PRO A 39 7.83 7.77 -7.02
CA PRO A 39 8.46 8.85 -6.25
C PRO A 39 8.16 10.23 -6.81
N ASP A 40 8.15 11.21 -5.92
CA ASP A 40 7.84 12.59 -6.27
C ASP A 40 8.65 13.52 -5.37
N TYR A 41 8.54 14.81 -5.63
CA TYR A 41 9.21 15.80 -4.79
C TYR A 41 8.50 17.14 -4.95
N LEU A 42 8.70 17.99 -3.95
CA LEU A 42 8.31 19.39 -4.02
C LEU A 42 9.49 20.19 -4.54
N VAL A 43 9.27 21.05 -5.51
CA VAL A 43 10.39 21.73 -6.16
C VAL A 43 10.14 23.22 -6.21
N SER A 44 11.22 23.98 -6.02
CA SER A 44 11.26 25.41 -6.26
C SER A 44 12.30 25.67 -7.35
N ARG A 45 11.93 26.51 -8.30
CA ARG A 45 12.82 26.92 -9.38
C ARG A 45 13.25 28.36 -9.23
N ASP A 46 12.89 29.02 -8.13
CA ASP A 46 13.25 30.41 -7.86
C ASP A 46 13.96 30.54 -6.53
N ASN A 47 14.84 29.58 -6.24
CA ASN A 47 15.70 29.63 -5.05
C ASN A 47 14.89 29.68 -3.76
N GLY A 48 13.79 28.92 -3.72
CA GLY A 48 13.07 28.69 -2.48
C GLY A 48 11.83 29.51 -2.25
N LYS A 49 11.46 30.40 -3.17
CA LYS A 49 10.33 31.28 -2.94
C LYS A 49 8.98 30.60 -3.23
N THR A 50 8.86 29.89 -4.35
CA THR A 50 7.61 29.23 -4.71
C THR A 50 7.87 27.75 -5.04
N TRP A 51 6.85 26.93 -4.83
CA TRP A 51 7.01 25.48 -4.81
C TRP A 51 5.81 24.82 -5.47
N GLU A 52 6.03 23.64 -6.05
CA GLU A 52 4.98 22.77 -6.55
C GLU A 52 5.48 21.34 -6.56
N MET A 53 4.54 20.39 -6.56
CA MET A 53 4.88 18.97 -6.64
C MET A 53 5.18 18.54 -8.06
N LYS A 54 6.08 17.57 -8.18
CA LYS A 54 6.46 17.00 -9.47
C LYS A 54 6.81 15.53 -9.29
N ALA A 55 6.49 14.72 -10.29
CA ALA A 55 6.89 13.33 -10.31
C ALA A 55 8.36 13.21 -10.66
N ALA A 56 9.06 12.35 -9.95
CA ALA A 56 10.46 12.08 -10.28
C ALA A 56 10.54 11.28 -11.57
N PRO A 57 11.64 11.41 -12.31
CA PRO A 57 11.78 10.69 -13.58
C PRO A 57 12.01 9.20 -13.36
N ALA A 58 11.92 8.44 -14.47
CA ALA A 58 11.90 6.98 -14.39
C ALA A 58 13.19 6.37 -13.80
N GLY A 59 14.33 7.05 -13.90
CA GLY A 59 15.54 6.46 -13.35
C GLY A 59 15.70 6.57 -11.85
N TYR A 60 14.83 7.36 -11.19
CA TYR A 60 14.99 7.59 -9.77
C TYR A 60 14.29 6.46 -9.00
N PRO A 61 14.97 5.79 -8.06
CA PRO A 61 14.41 4.57 -7.49
C PRO A 61 13.28 4.87 -6.53
N PRO A 62 12.31 3.98 -6.42
CA PRO A 62 11.28 4.14 -5.39
C PRO A 62 11.89 3.96 -4.00
N ASN A 63 11.06 4.31 -3.00
CA ASN A 63 11.46 4.15 -1.59
C ASN A 63 11.25 2.70 -1.22
N TYR A 64 12.29 1.88 -1.38
CA TYR A 64 12.18 0.49 -0.96
C TYR A 64 12.13 0.39 0.55
N GLY A 65 12.96 1.17 1.23
CA GLY A 65 12.90 1.32 2.67
C GLY A 65 12.18 2.58 3.08
N GLY A 66 12.45 3.00 4.32
CA GLY A 66 11.83 4.20 4.85
C GLY A 66 10.41 3.96 5.32
N ILE A 67 9.73 5.07 5.56
CA ILE A 67 8.34 5.07 6.03
C ILE A 67 7.61 6.18 5.31
N PRO A 68 6.27 6.09 5.22
CA PRO A 68 5.52 7.03 4.38
C PRO A 68 5.71 8.49 4.74
N LYS A 69 5.92 8.82 6.01
CA LYS A 69 5.96 10.24 6.40
C LYS A 69 7.35 10.86 6.34
N GLU A 70 8.39 10.10 5.98
CA GLU A 70 9.74 10.65 5.96
C GLU A 70 10.42 10.34 4.64
N SER A 71 11.08 11.34 4.06
CA SER A 71 11.89 11.15 2.87
C SER A 71 13.20 10.46 3.22
N PRO A 72 13.82 9.78 2.25
CA PRO A 72 15.23 9.44 2.40
C PRO A 72 16.05 10.72 2.50
N ALA A 73 17.20 10.59 3.14
CA ALA A 73 18.21 11.64 3.11
C ALA A 73 18.96 11.56 1.78
N ILE A 74 19.21 12.73 1.18
CA ILE A 74 19.91 12.85 -0.09
C ILE A 74 21.01 13.87 0.10
N VAL A 75 22.25 13.50 -0.23
CA VAL A 75 23.41 14.33 0.08
C VAL A 75 24.35 14.32 -1.13
N ARG A 76 24.88 15.49 -1.48
CA ARG A 76 25.85 15.57 -2.57
C ARG A 76 27.24 15.26 -2.06
N ASN A 77 27.94 14.39 -2.80
CA ASN A 77 29.36 14.12 -2.59
C ASN A 77 30.12 15.31 -3.16
N PRO A 78 30.90 16.03 -2.35
CA PRO A 78 31.52 17.26 -2.86
C PRO A 78 32.65 17.01 -3.85
N LEU A 79 33.19 15.80 -3.89
CA LEU A 79 34.27 15.48 -4.82
C LEU A 79 33.73 15.01 -6.17
N THR A 80 32.81 14.06 -6.16
CA THR A 80 32.25 13.53 -7.40
C THR A 80 31.09 14.35 -7.92
N ARG A 81 30.48 15.18 -7.07
CA ARG A 81 29.29 15.96 -7.38
C ARG A 81 28.07 15.11 -7.68
N GLU A 82 28.13 13.81 -7.40
CA GLU A 82 27.00 12.91 -7.45
C GLU A 82 26.34 12.89 -6.08
N PHE A 83 25.30 12.08 -5.94
CA PHE A 83 24.48 12.07 -4.73
C PHE A 83 24.48 10.67 -4.13
N ILE A 84 24.33 10.63 -2.80
CA ILE A 84 24.09 9.39 -2.07
C ILE A 84 22.73 9.52 -1.37
N ARG A 85 21.98 8.41 -1.39
CA ARG A 85 20.66 8.38 -0.77
C ARG A 85 20.57 7.20 0.19
N VAL A 86 20.14 7.48 1.44
CA VAL A 86 19.81 6.44 2.40
C VAL A 86 18.46 6.78 3.01
N GLN A 87 17.78 5.77 3.51
CA GLN A 87 16.47 5.96 4.12
C GLN A 87 16.60 6.32 5.60
N PRO A 88 15.51 6.76 6.24
CA PRO A 88 15.53 6.87 7.72
C PRO A 88 15.67 5.53 8.39
N ILE A 89 15.21 4.46 7.74
CA ILE A 89 15.31 3.11 8.27
C ILE A 89 15.12 2.16 7.10
N GLY A 90 15.89 1.08 7.09
CA GLY A 90 15.74 0.08 6.04
C GLY A 90 16.19 0.55 4.66
N GLY A 91 15.89 -0.29 3.68
CA GLY A 91 16.25 0.01 2.30
C GLY A 91 17.76 -0.03 2.04
N PHE A 92 18.12 0.67 0.97
CA PHE A 92 19.41 0.47 0.30
C PHE A 92 20.19 1.77 0.23
N VAL A 93 21.43 1.65 -0.25
CA VAL A 93 22.32 2.79 -0.48
C VAL A 93 22.35 3.00 -1.98
N PHE A 94 21.84 4.13 -2.45
CA PHE A 94 21.84 4.47 -3.86
C PHE A 94 22.80 5.62 -4.14
N LEU A 95 23.53 5.49 -5.25
CA LEU A 95 24.46 6.52 -5.73
C LEU A 95 24.06 6.91 -7.14
N SER A 96 24.17 8.20 -7.44
CA SER A 96 23.78 8.66 -8.76
C SER A 96 24.97 8.72 -9.72
N ARG A 97 24.61 8.68 -11.00
CA ARG A 97 25.56 8.88 -12.10
C ARG A 97 24.80 9.78 -13.09
N GLY A 98 25.16 11.04 -13.12
CA GLY A 98 24.43 12.02 -13.88
C GLY A 98 23.44 12.84 -13.10
N GLY A 99 23.57 12.89 -11.78
CA GLY A 99 22.70 13.73 -10.97
C GLY A 99 21.42 13.05 -10.57
N LEU A 100 20.56 13.85 -9.94
CA LEU A 100 19.33 13.31 -9.38
C LEU A 100 18.43 12.77 -10.45
N ASP A 101 18.48 13.35 -11.65
CA ASP A 101 17.69 12.96 -12.80
C ASP A 101 18.51 12.13 -13.79
N GLY A 102 19.56 11.46 -13.30
CA GLY A 102 20.34 10.57 -14.11
C GLY A 102 20.13 9.12 -13.71
N LYS A 103 21.17 8.33 -13.87
CA LYS A 103 21.15 6.92 -13.55
C LYS A 103 21.41 6.76 -12.05
N TRP A 104 20.79 5.75 -11.44
CA TRP A 104 21.07 5.43 -10.05
C TRP A 104 21.53 3.99 -9.95
N LEU A 105 22.49 3.74 -9.08
CA LEU A 105 23.01 2.40 -8.87
C LEU A 105 22.94 2.08 -7.38
N ALA A 106 22.64 0.83 -7.05
CA ALA A 106 22.57 0.41 -5.66
C ALA A 106 23.84 -0.30 -5.23
N VAL A 107 24.27 -0.08 -3.99
CA VAL A 107 25.51 -0.66 -3.51
C VAL A 107 25.26 -2.11 -3.10
N THR A 108 26.12 -3.02 -3.53
CA THR A 108 25.96 -4.42 -3.17
C THR A 108 26.74 -4.77 -1.91
N ASN A 109 26.42 -5.95 -1.36
CA ASN A 109 27.12 -6.41 -0.17
C ASN A 109 28.61 -6.57 -0.43
N ASP A 110 29.01 -6.83 -1.67
CA ASP A 110 30.43 -7.03 -1.99
C ASP A 110 31.10 -5.78 -2.55
N GLY A 111 30.52 -4.60 -2.34
CA GLY A 111 31.17 -3.36 -2.69
C GLY A 111 31.13 -3.02 -4.17
N LYS A 112 30.16 -3.56 -4.90
CA LYS A 112 29.97 -3.26 -6.31
C LYS A 112 28.71 -2.41 -6.47
N LEU A 113 28.43 -2.00 -7.70
CA LEU A 113 27.25 -1.22 -8.01
C LEU A 113 26.31 -2.01 -8.91
N GLU A 114 25.06 -2.08 -8.50
CA GLU A 114 24.00 -2.80 -9.21
C GLU A 114 23.17 -1.80 -10.00
N GLU A 115 23.24 -1.89 -11.33
CA GLU A 115 22.41 -1.03 -12.17
C GLU A 115 20.98 -1.54 -12.29
N ASP A 116 20.77 -2.84 -12.12
CA ASP A 116 19.48 -3.47 -12.42
C ASP A 116 18.70 -3.75 -11.15
N TRP A 117 18.53 -2.72 -10.31
CA TRP A 117 17.85 -2.86 -9.04
C TRP A 117 16.34 -3.00 -9.19
N LYS A 118 15.78 -2.82 -10.39
CA LYS A 118 14.37 -3.13 -10.59
C LYS A 118 14.09 -4.63 -10.52
N ASP A 119 15.12 -5.47 -10.67
CA ASP A 119 15.01 -6.91 -10.57
C ASP A 119 15.01 -7.31 -9.09
N PRO A 120 13.89 -7.82 -8.56
CA PRO A 120 13.85 -8.16 -7.14
C PRO A 120 14.90 -9.19 -6.74
N GLU A 121 15.26 -10.10 -7.64
CA GLU A 121 16.31 -11.07 -7.31
C GLU A 121 17.63 -10.37 -7.05
N LYS A 122 17.93 -9.33 -7.85
CA LYS A 122 19.18 -8.61 -7.67
C LYS A 122 19.17 -7.75 -6.41
N ARG A 123 18.00 -7.37 -5.91
CA ARG A 123 17.97 -6.59 -4.68
C ARG A 123 18.36 -7.42 -3.47
N LYS A 124 18.31 -8.75 -3.56
CA LYS A 124 18.59 -9.57 -2.39
C LYS A 124 20.02 -9.40 -1.90
N ASN A 125 20.96 -9.06 -2.79
CA ASN A 125 22.35 -8.91 -2.39
C ASN A 125 22.79 -7.47 -2.21
N LEU A 126 21.85 -6.55 -1.99
CA LEU A 126 22.21 -5.16 -1.79
C LEU A 126 22.58 -4.90 -0.34
N LYS A 127 23.52 -3.97 -0.15
CA LYS A 127 23.89 -3.52 1.18
C LYS A 127 22.70 -2.89 1.90
N LYS A 128 22.48 -3.29 3.15
CA LYS A 128 21.41 -2.75 3.99
C LYS A 128 22.04 -2.23 5.27
N LEU A 129 22.17 -0.91 5.38
CA LEU A 129 22.72 -0.30 6.58
C LEU A 129 21.68 -0.36 7.70
N GLY A 130 22.11 -0.72 8.90
CA GLY A 130 21.18 -0.91 10.01
C GLY A 130 20.86 0.35 10.81
N GLY A 131 19.83 0.23 11.65
CA GLY A 131 19.50 1.28 12.58
C GLY A 131 18.60 2.34 11.99
N ILE A 132 18.23 3.28 12.85
CA ILE A 132 17.55 4.49 12.41
C ILE A 132 18.64 5.47 12.03
N MET A 133 18.68 5.85 10.76
CA MET A 133 19.72 6.69 10.22
C MET A 133 19.32 8.15 10.11
N ARG A 134 20.31 9.04 10.27
CA ARG A 134 20.14 10.44 9.93
C ARG A 134 20.94 10.77 8.67
N THR A 135 21.67 11.89 8.66
CA THR A 135 22.13 12.43 7.37
C THR A 135 23.56 12.01 7.06
N PRO A 136 23.82 11.42 5.89
CA PRO A 136 25.22 11.22 5.48
C PRO A 136 25.93 12.56 5.47
N VAL A 137 27.15 12.60 6.03
CA VAL A 137 27.92 13.83 6.01
C VAL A 137 29.32 13.51 5.50
N PHE A 138 29.77 14.27 4.51
CA PHE A 138 31.10 14.13 3.96
C PHE A 138 32.08 14.96 4.78
N VAL A 139 33.19 14.34 5.16
CA VAL A 139 34.20 14.96 6.03
C VAL A 139 35.59 14.69 5.46
N ASN A 140 36.57 15.41 5.99
CA ASN A 140 37.97 15.21 5.64
C ASN A 140 38.21 15.48 4.16
N LYS A 141 37.94 16.74 3.77
CA LYS A 141 38.05 17.17 2.37
C LYS A 141 37.25 16.25 1.45
N GLY A 142 36.09 15.82 1.93
CA GLY A 142 35.18 15.02 1.15
C GLY A 142 35.54 13.57 1.01
N ARG A 143 36.60 13.11 1.68
CA ARG A 143 37.15 11.80 1.43
C ARG A 143 36.49 10.69 2.25
N ARG A 144 35.66 11.04 3.23
CA ARG A 144 34.96 10.05 4.03
C ARG A 144 33.52 10.49 4.16
N VAL A 145 32.59 9.54 4.13
CA VAL A 145 31.20 9.83 4.46
C VAL A 145 30.81 9.00 5.67
N ILE A 146 30.10 9.64 6.61
CA ILE A 146 29.61 8.95 7.78
C ILE A 146 28.10 9.18 7.91
N VAL A 147 27.41 8.16 8.40
CA VAL A 147 25.96 8.21 8.58
C VAL A 147 25.67 7.86 10.03
N PRO A 148 25.19 8.80 10.84
CA PRO A 148 24.78 8.46 12.21
C PRO A 148 23.62 7.49 12.16
N PHE A 149 23.63 6.53 13.10
CA PHE A 149 22.51 5.63 13.26
C PHE A 149 22.34 5.31 14.74
N HIS A 150 21.10 5.02 15.13
CA HIS A 150 20.90 4.70 16.51
C HIS A 150 19.93 3.55 16.68
N ASN A 151 19.97 3.04 17.93
CA ASN A 151 18.97 2.22 18.59
C ASN A 151 18.45 3.02 19.78
N MET A 152 17.13 3.06 19.94
CA MET A 152 16.48 3.84 20.98
C MET A 152 17.19 3.78 22.34
N GLY A 153 17.48 2.57 22.81
CA GLY A 153 18.07 2.39 24.14
C GLY A 153 19.56 2.08 24.14
N GLY A 154 20.14 1.88 22.95
CA GLY A 154 21.52 1.46 22.76
C GLY A 154 22.55 2.54 22.41
N GLY A 155 22.12 3.64 21.82
CA GLY A 155 22.99 4.77 21.55
C GLY A 155 23.25 4.94 20.07
N THR A 156 23.99 6.00 19.74
CA THR A 156 24.34 6.30 18.36
C THR A 156 25.74 5.76 18.05
N LYS A 157 25.90 5.19 16.86
CA LYS A 157 27.18 4.87 16.26
C LYS A 157 27.14 5.40 14.85
N PHE A 158 28.21 5.14 14.09
CA PHE A 158 28.32 5.72 12.76
C PHE A 158 28.67 4.67 11.73
N HIS A 159 27.90 4.63 10.64
CA HIS A 159 28.32 3.91 9.45
C HIS A 159 29.36 4.75 8.72
N ILE A 160 30.50 4.16 8.36
CA ILE A 160 31.61 4.91 7.77
C ILE A 160 32.02 4.29 6.46
N SER A 161 32.19 5.11 5.42
CA SER A 161 32.73 4.67 4.14
C SER A 161 33.86 5.59 3.73
N ASP A 162 34.97 4.98 3.30
CA ASP A 162 36.13 5.69 2.77
C ASP A 162 36.23 5.63 1.25
N ASP A 163 35.22 5.08 0.56
CA ASP A 163 35.26 4.97 -0.90
C ASP A 163 33.97 5.48 -1.53
N GLY A 164 33.36 6.50 -0.94
CA GLY A 164 32.20 7.14 -1.50
C GLY A 164 30.91 6.39 -1.32
N GLY A 165 30.89 5.39 -0.43
CA GLY A 165 29.69 4.62 -0.15
C GLY A 165 29.69 3.22 -0.73
N LEU A 166 30.81 2.78 -1.33
CA LEU A 166 30.85 1.43 -1.88
C LEU A 166 30.98 0.37 -0.80
N THR A 167 31.82 0.62 0.21
CA THR A 167 32.02 -0.32 1.30
C THR A 167 31.98 0.43 2.61
N TRP A 168 31.61 -0.29 3.66
CA TRP A 168 31.17 0.33 4.90
C TRP A 168 31.73 -0.42 6.10
N HIS A 169 32.05 0.34 7.16
CA HIS A 169 32.33 -0.25 8.46
C HIS A 169 31.61 0.58 9.51
N VAL A 170 31.69 0.16 10.76
CA VAL A 170 31.00 0.84 11.85
C VAL A 170 32.04 1.40 12.79
N SER A 171 31.77 2.58 13.33
CA SER A 171 32.66 3.18 14.32
C SER A 171 32.83 2.25 15.53
N ARG A 172 33.92 2.46 16.27
CA ARG A 172 34.17 1.68 17.48
C ARG A 172 33.17 2.02 18.58
N ASN A 173 32.86 3.30 18.74
CA ASN A 173 31.86 3.74 19.71
C ASN A 173 31.13 4.90 19.09
N GLY A 174 30.36 5.64 19.89
CA GLY A 174 29.59 6.73 19.35
C GLY A 174 29.19 7.71 20.42
N VAL A 175 27.89 7.94 20.59
CA VAL A 175 27.36 8.84 21.60
C VAL A 175 26.35 8.08 22.46
N THR A 176 26.40 8.28 23.77
CA THR A 176 25.38 7.78 24.69
C THR A 176 25.01 8.90 25.65
N SER A 177 23.90 8.72 26.37
CA SER A 177 23.49 9.68 27.39
C SER A 177 22.68 8.95 28.45
N PRO A 178 22.65 9.47 29.67
CA PRO A 178 22.06 8.72 30.78
C PRO A 178 20.54 8.79 30.80
N ARG A 179 19.98 7.78 31.46
CA ARG A 179 18.55 7.76 31.70
C ARG A 179 18.14 8.94 32.56
N HIS A 180 16.89 9.36 32.41
CA HIS A 180 16.32 10.37 33.29
C HIS A 180 16.05 9.79 34.67
N GLU A 181 16.38 10.59 35.68
CA GLU A 181 16.16 10.24 37.09
C GLU A 181 14.92 10.98 37.59
N ALA A 182 13.93 10.23 38.07
CA ALA A 182 12.72 10.86 38.58
C ALA A 182 13.04 11.50 39.94
N ARG A 183 13.13 12.82 39.97
CA ARG A 183 13.23 13.58 41.20
C ARG A 183 12.28 14.76 41.07
N PRO A 184 11.83 15.33 42.17
CA PRO A 184 10.92 16.48 42.10
C PRO A 184 11.50 17.54 41.17
N PRO A 185 10.65 18.19 40.37
CA PRO A 185 9.18 18.12 40.38
C PRO A 185 8.56 16.95 39.60
N HIS A 186 9.39 16.09 39.00
CA HIS A 186 8.83 14.94 38.30
C HIS A 186 8.17 13.97 39.27
N GLN A 187 7.09 13.35 38.82
CA GLN A 187 6.44 12.23 39.50
C GLN A 187 6.65 10.92 38.78
N GLY A 188 7.54 10.89 37.81
CA GLY A 188 7.78 9.71 37.00
C GLY A 188 8.99 9.98 36.12
N VAL A 189 9.28 9.03 35.25
N VAL A 189 9.31 9.01 35.27
CA VAL A 189 10.50 9.05 34.44
CA VAL A 189 10.53 9.09 34.46
C VAL A 189 10.17 9.47 33.03
C VAL A 189 10.18 9.48 33.04
N ARG A 190 11.05 10.26 32.43
CA ARG A 190 10.94 10.57 31.02
C ARG A 190 11.23 9.34 30.17
N TRP A 191 10.61 9.29 29.00
CA TRP A 191 10.98 8.33 27.97
C TRP A 191 12.48 8.34 27.78
N PHE A 192 13.11 7.16 27.86
CA PHE A 192 14.55 7.02 27.65
C PHE A 192 14.90 6.97 26.18
N ASN A 193 15.74 7.91 25.74
CA ASN A 193 16.42 7.86 24.45
C ASN A 193 17.89 8.00 24.79
N ASN A 194 18.71 7.08 24.26
CA ASN A 194 20.15 7.04 24.53
C ASN A 194 20.84 7.77 23.37
N ALA A 195 21.11 9.06 23.56
CA ALA A 195 21.80 9.91 22.58
C ALA A 195 21.46 9.52 21.15
N VAL A 196 20.21 9.74 20.76
CA VAL A 196 19.69 9.33 19.47
C VAL A 196 19.77 10.50 18.48
N GLU A 197 19.51 10.20 17.20
CA GLU A 197 19.30 11.25 16.22
C GLU A 197 20.44 12.27 16.19
N ALA A 198 21.67 11.79 16.07
CA ALA A 198 22.78 12.72 16.11
C ALA A 198 22.87 13.54 14.82
N THR A 199 23.34 14.77 14.98
CA THR A 199 23.81 15.60 13.89
C THR A 199 25.30 15.82 14.07
N VAL A 200 26.04 15.93 12.97
CA VAL A 200 27.50 15.95 13.01
C VAL A 200 28.00 17.14 12.21
N LEU A 201 28.99 17.86 12.77
CA LEU A 201 29.65 18.97 12.09
C LEU A 201 31.15 18.80 12.19
N GLU A 202 31.84 19.03 11.08
CA GLU A 202 33.29 19.07 11.09
C GLU A 202 33.76 20.46 11.47
N MET A 203 34.64 20.53 12.46
CA MET A 203 35.16 21.81 12.93
C MET A 203 36.42 22.19 12.16
N LYS A 204 36.84 23.44 12.33
CA LYS A 204 37.96 23.92 11.52
C LYS A 204 39.23 23.14 11.82
N ASP A 205 39.39 22.60 13.02
CA ASP A 205 40.61 21.87 13.33
C ASP A 205 40.51 20.39 12.98
N GLY A 206 39.45 19.98 12.30
CA GLY A 206 39.27 18.61 11.89
C GLY A 206 38.49 17.76 12.86
N THR A 207 38.26 18.23 14.10
CA THR A 207 37.43 17.52 15.05
C THR A 207 36.02 17.38 14.49
N LEU A 208 35.37 16.26 14.78
CA LEU A 208 33.93 16.14 14.54
C LEU A 208 33.18 16.35 15.84
N TRP A 209 32.13 17.16 15.76
CA TRP A 209 31.22 17.41 16.89
C TRP A 209 29.90 16.72 16.58
N ALA A 210 29.51 15.80 17.47
CA ALA A 210 28.23 15.14 17.38
C ALA A 210 27.30 15.66 18.48
N LEU A 211 26.08 16.04 18.11
CA LEU A 211 25.10 16.60 19.02
C LEU A 211 23.87 15.74 18.91
N ALA A 212 23.37 15.25 20.06
CA ALA A 212 22.36 14.20 20.04
C ALA A 212 21.25 14.47 21.05
N ARG A 213 20.11 13.87 20.72
CA ARG A 213 18.87 13.99 21.49
C ARG A 213 18.87 13.04 22.67
N THR A 214 18.39 13.52 23.84
CA THR A 214 18.48 12.77 25.09
C THR A 214 17.19 12.94 25.89
N SER A 215 17.14 12.23 27.01
CA SER A 215 16.09 12.36 28.02
C SER A 215 16.46 13.38 29.09
N GLN A 216 17.60 14.05 28.97
CA GLN A 216 17.98 15.08 29.92
C GLN A 216 17.35 16.42 29.53
N ASP A 217 17.69 17.48 30.28
CA ASP A 217 17.20 18.82 29.99
C ASP A 217 17.84 19.47 28.79
N GLN A 218 18.94 18.93 28.27
CA GLN A 218 19.61 19.45 27.08
C GLN A 218 20.08 18.27 26.22
N ALA A 219 20.33 18.57 24.95
CA ALA A 219 21.08 17.66 24.09
C ALA A 219 22.47 17.38 24.67
N TRP A 220 23.01 16.21 24.36
CA TRP A 220 24.36 15.84 24.75
C TRP A 220 25.26 15.78 23.52
N GLN A 221 26.57 15.76 23.78
CA GLN A 221 27.52 15.87 22.68
C GLN A 221 28.76 15.04 22.96
N ALA A 222 29.46 14.67 21.88
CA ALA A 222 30.76 14.03 21.94
C ALA A 222 31.58 14.50 20.76
N PHE A 223 32.86 14.22 20.81
CA PHE A 223 33.80 14.70 19.82
C PHE A 223 34.69 13.57 19.35
N SER A 224 35.11 13.63 18.08
CA SER A 224 36.03 12.64 17.52
C SER A 224 37.21 13.35 16.89
N LYS A 225 38.40 12.78 17.10
CA LYS A 225 39.66 13.28 16.56
C LYS A 225 40.14 12.45 15.39
N ASP A 226 39.39 11.43 14.96
CA ASP A 226 39.81 10.51 13.91
C ASP A 226 38.70 10.36 12.87
N TYR A 227 37.94 11.43 12.65
CA TYR A 227 36.91 11.45 11.64
C TYR A 227 35.85 10.37 11.87
N GLY A 228 35.57 10.10 13.15
CA GLY A 228 34.36 9.35 13.47
C GLY A 228 34.60 7.92 13.90
N GLU A 229 35.85 7.44 13.91
CA GLU A 229 36.07 6.07 14.32
C GLU A 229 35.88 5.93 15.82
N THR A 230 36.35 6.91 16.59
CA THR A 230 36.23 6.85 18.04
C THR A 230 35.80 8.22 18.57
N TRP A 231 35.11 8.18 19.70
CA TRP A 231 34.44 9.36 20.24
C TRP A 231 34.75 9.51 21.73
N SER A 232 34.84 10.77 22.16
CA SER A 232 35.07 11.12 23.55
C SER A 232 33.90 10.68 24.44
N LYS A 233 34.16 10.67 25.73
CA LYS A 233 33.08 10.62 26.72
C LYS A 233 32.03 11.65 26.34
N PRO A 234 30.73 11.33 26.48
CA PRO A 234 29.69 12.31 26.16
C PRO A 234 29.47 13.27 27.33
N GLU A 235 28.90 14.43 27.02
CA GLU A 235 28.68 15.46 28.01
C GLU A 235 27.48 16.31 27.62
N PRO A 236 26.88 17.04 28.56
CA PRO A 236 25.80 17.97 28.20
C PRO A 236 26.29 19.06 27.27
N SER A 237 25.45 19.39 26.29
CA SER A 237 25.67 20.50 25.38
C SER A 237 25.00 21.75 25.95
N ARG A 238 25.25 22.89 25.29
CA ARG A 238 24.60 24.14 25.68
C ARG A 238 23.19 24.27 25.15
N PHE A 239 22.72 23.37 24.30
CA PHE A 239 21.41 23.51 23.65
C PHE A 239 20.37 22.76 24.45
N PHE A 240 19.57 23.51 25.19
CA PHE A 240 18.48 22.93 25.96
C PHE A 240 17.47 22.25 25.06
N GLY A 241 16.79 21.26 25.62
CA GLY A 241 15.77 20.53 24.90
C GLY A 241 15.84 19.06 25.23
N THR A 242 14.71 18.38 25.05
CA THR A 242 14.53 17.03 25.54
C THR A 242 13.72 16.24 24.52
N LEU A 243 14.30 15.14 24.03
CA LEU A 243 13.51 14.21 23.21
C LEU A 243 13.04 14.90 21.93
N THR A 244 13.85 15.80 21.41
CA THR A 244 13.60 16.50 20.15
C THR A 244 14.93 16.60 19.40
N MET A 245 14.86 16.94 18.12
CA MET A 245 15.98 16.74 17.22
C MET A 245 16.81 18.00 17.03
N ASN A 246 18.13 17.82 16.94
CA ASN A 246 19.10 18.89 16.66
C ASN A 246 19.63 18.77 15.23
N THR A 247 19.87 19.91 14.58
CA THR A 247 20.56 19.91 13.29
C THR A 247 21.61 20.99 13.29
N LEU A 248 22.83 20.63 12.92
CA LEU A 248 23.93 21.57 12.75
C LEU A 248 24.25 21.73 11.27
N GLY A 249 24.66 22.94 10.89
CA GLY A 249 25.09 23.24 9.54
C GLY A 249 26.07 24.39 9.57
N ARG A 250 26.60 24.70 8.39
CA ARG A 250 27.60 25.75 8.28
C ARG A 250 27.33 26.53 7.01
N LEU A 251 27.33 27.85 7.13
CA LEU A 251 27.14 28.74 5.99
C LEU A 251 28.43 28.86 5.20
N ASP A 252 28.31 29.42 3.98
CA ASP A 252 29.48 29.53 3.11
C ASP A 252 30.61 30.29 3.79
N ASP A 253 30.30 31.29 4.62
CA ASP A 253 31.33 32.10 5.24
C ASP A 253 31.91 31.49 6.51
N GLY A 254 31.50 30.27 6.86
CA GLY A 254 32.03 29.57 8.00
C GLY A 254 31.17 29.66 9.25
N THR A 255 30.14 30.49 9.23
CA THR A 255 29.26 30.62 10.39
C THR A 255 28.53 29.31 10.64
N ILE A 256 28.48 28.87 11.90
CA ILE A 256 27.78 27.65 12.28
C ILE A 256 26.35 28.01 12.64
N VAL A 257 25.44 27.15 12.20
CA VAL A 257 24.01 27.28 12.46
C VAL A 257 23.56 26.07 13.28
N SER A 258 22.87 26.34 14.38
CA SER A 258 22.24 25.31 15.21
C SER A 258 20.74 25.51 15.18
N LEU A 259 20.03 24.44 14.81
CA LEU A 259 18.57 24.43 14.79
C LEU A 259 18.10 23.36 15.75
N TRP A 260 17.12 23.70 16.59
CA TRP A 260 16.62 22.73 17.57
C TRP A 260 15.32 23.28 18.15
N THR A 261 14.71 22.48 19.02
CA THR A 261 13.51 22.93 19.72
C THR A 261 13.93 23.27 21.14
N ASN A 262 14.01 24.57 21.43
CA ASN A 262 14.55 25.05 22.70
C ASN A 262 13.43 25.18 23.73
N THR A 263 13.04 24.04 24.26
CA THR A 263 11.90 23.99 25.16
C THR A 263 12.23 23.13 26.38
N MET A 264 11.47 23.35 27.46
CA MET A 264 11.46 22.47 28.64
C MET A 264 10.09 21.81 28.70
N ALA A 265 10.03 20.49 28.72
CA ALA A 265 8.74 19.80 28.87
C ALA A 265 8.17 20.03 30.27
N LEU A 266 6.86 19.82 30.41
CA LEU A 266 6.26 19.80 31.72
C LEU A 266 6.87 18.65 32.54
N PRO A 267 6.98 18.83 33.85
CA PRO A 267 7.37 17.72 34.72
C PRO A 267 6.55 16.47 34.44
N GLU A 268 7.19 15.33 34.58
CA GLU A 268 6.49 14.07 34.42
C GLU A 268 5.40 13.91 35.48
N ASN A 269 4.28 13.29 35.10
CA ASN A 269 3.16 13.07 36.00
C ASN A 269 3.20 11.69 36.62
N ALA A 270 2.18 11.36 37.41
CA ALA A 270 2.21 10.15 38.19
C ALA A 270 1.85 8.91 37.40
N THR A 271 1.50 9.04 36.12
CA THR A 271 1.22 7.91 35.25
C THR A 271 2.14 7.92 34.03
N ALA A 272 3.39 8.35 34.19
CA ALA A 272 4.28 8.60 33.05
C ALA A 272 4.77 7.32 32.38
N GLY A 273 4.61 6.15 33.01
CA GLY A 273 5.10 4.91 32.45
C GLY A 273 6.52 4.61 32.86
N ASN A 274 7.04 3.49 32.34
CA ASN A 274 8.36 3.03 32.76
C ASN A 274 9.50 3.58 31.90
N GLY A 275 9.20 4.49 30.98
CA GLY A 275 10.24 5.10 30.18
C GLY A 275 10.64 4.35 28.93
N THR A 276 10.08 3.17 28.66
CA THR A 276 10.32 2.52 27.37
C THR A 276 9.81 3.38 26.22
N TRP A 277 8.60 3.90 26.34
CA TRP A 277 8.00 4.78 25.36
C TRP A 277 7.48 6.04 26.05
N GLU A 278 7.06 6.99 25.23
CA GLU A 278 6.55 8.26 25.74
C GLU A 278 5.11 8.13 26.23
N ASP A 279 4.76 8.94 27.26
CA ASP A 279 3.34 9.07 27.61
C ASP A 279 2.68 10.21 26.87
N VAL A 280 3.29 11.39 26.88
CA VAL A 280 2.69 12.56 26.26
C VAL A 280 3.79 13.57 25.93
N PHE A 281 3.65 14.22 24.79
CA PHE A 281 4.58 15.27 24.38
C PHE A 281 4.05 16.64 24.80
N THR A 282 4.84 17.37 25.57
CA THR A 282 4.46 18.70 26.01
C THR A 282 5.50 19.75 25.64
N ASN A 283 6.34 19.50 24.61
CA ASN A 283 7.44 20.43 24.38
C ASN A 283 7.80 20.55 22.90
N ARG A 284 6.86 20.33 21.98
CA ARG A 284 7.18 20.24 20.55
C ARG A 284 6.51 21.32 19.71
N ASP A 285 6.27 22.50 20.28
CA ASP A 285 5.47 23.51 19.59
C ASP A 285 6.25 24.75 19.17
N SER A 286 7.56 24.58 18.92
CA SER A 286 8.41 25.68 18.50
C SER A 286 9.67 25.08 17.91
N HIS A 287 10.42 25.94 17.22
CA HIS A 287 11.74 25.61 16.70
C HIS A 287 12.56 26.89 16.78
N HIS A 288 13.89 26.73 16.93
CA HIS A 288 14.78 27.84 17.26
C HIS A 288 16.05 27.77 16.42
N ILE A 289 16.73 28.92 16.37
CA ILE A 289 17.99 29.02 15.64
C ILE A 289 19.00 29.82 16.46
N ALA A 290 20.26 29.37 16.42
CA ALA A 290 21.38 30.12 16.96
C ALA A 290 22.56 29.98 16.00
N MET A 291 23.47 30.94 16.05
N MET A 291 23.46 30.95 16.01
CA MET A 291 24.61 30.94 15.16
CA MET A 291 24.62 30.94 15.13
C MET A 291 25.88 31.27 15.92
C MET A 291 25.88 31.26 15.90
N SER A 292 27.02 30.84 15.35
CA SER A 292 28.33 31.14 15.92
C SER A 292 29.30 31.44 14.80
N GLY A 293 29.98 32.58 14.89
CA GLY A 293 31.03 32.95 13.97
C GLY A 293 32.43 32.61 14.42
N ASP A 294 32.59 31.92 15.54
CA ASP A 294 33.93 31.63 16.07
C ASP A 294 34.06 30.17 16.49
N GLU A 295 33.58 29.26 15.65
CA GLU A 295 33.75 27.83 15.87
C GLU A 295 33.09 27.36 17.14
N GLY A 296 31.99 28.01 17.54
CA GLY A 296 31.23 27.58 18.68
C GLY A 296 31.69 28.14 20.01
N LYS A 297 32.67 29.04 20.00
CA LYS A 297 33.10 29.66 21.25
C LYS A 297 32.00 30.55 21.82
N THR A 298 31.32 31.31 20.96
CA THR A 298 30.21 32.16 21.38
C THR A 298 29.07 32.00 20.38
N TRP A 299 27.85 32.19 20.89
CA TRP A 299 26.65 31.97 20.11
C TRP A 299 25.71 33.18 20.25
N TYR A 300 24.89 33.40 19.24
CA TYR A 300 23.92 34.48 19.27
C TYR A 300 22.63 34.02 18.63
N GLY A 301 21.55 34.72 19.00
CA GLY A 301 20.26 34.38 18.43
C GLY A 301 19.39 33.69 19.45
N PHE A 302 19.29 32.36 19.36
CA PHE A 302 18.37 31.61 20.22
C PHE A 302 16.94 32.10 20.00
N ARG A 303 16.62 32.42 18.75
CA ARG A 303 15.34 33.01 18.40
C ARG A 303 14.37 31.95 17.94
N GLU A 304 13.10 32.15 18.30
CA GLU A 304 12.02 31.33 17.79
C GLU A 304 11.88 31.55 16.29
N ILE A 305 11.98 30.48 15.51
CA ILE A 305 11.65 30.59 14.10
C ILE A 305 10.16 30.73 13.92
N ILE A 306 9.40 29.97 14.72
CA ILE A 306 7.96 29.83 14.52
C ILE A 306 7.40 29.10 15.72
N LEU A 307 6.15 29.40 16.04
CA LEU A 307 5.35 28.67 17.00
C LEU A 307 4.29 27.86 16.26
N ASP A 308 3.92 26.71 16.83
CA ASP A 308 2.93 25.89 16.16
C ASP A 308 1.57 26.58 16.16
N GLU A 309 0.99 26.75 14.98
CA GLU A 309 -0.24 27.50 14.82
C GLU A 309 -1.41 26.86 15.55
N HIS A 310 -1.36 25.57 15.83
CA HIS A 310 -2.48 24.83 16.41
C HIS A 310 -2.38 24.68 17.92
N ARG A 311 -1.34 25.26 18.52
CA ARG A 311 -0.91 24.90 19.87
C ARG A 311 -1.97 25.11 20.95
N ASN A 312 -2.91 26.06 20.78
CA ASN A 312 -3.88 26.38 21.82
C ASN A 312 -5.14 25.53 21.73
N HIS A 313 -5.28 24.68 20.73
CA HIS A 313 -6.65 24.26 20.41
C HIS A 313 -7.10 22.96 21.10
N PRO A 314 -8.39 22.90 21.44
CA PRO A 314 -8.93 21.71 22.14
C PRO A 314 -9.07 20.48 21.27
N GLY A 315 -8.72 20.54 19.99
CA GLY A 315 -8.69 19.34 19.15
C GLY A 315 -7.31 19.10 18.56
N TYR A 316 -6.31 19.76 19.13
CA TYR A 316 -4.92 19.64 18.66
C TYR A 316 -4.52 18.20 18.40
N ALA A 317 -4.86 17.29 19.30
CA ALA A 317 -4.26 15.96 19.29
C ALA A 317 -4.80 15.08 18.16
N THR A 318 -5.96 15.41 17.61
CA THR A 318 -6.61 14.50 16.69
C THR A 318 -6.98 15.10 15.35
N LEU A 319 -6.73 16.40 15.14
CA LEU A 319 -7.11 17.05 13.88
C LEU A 319 -6.38 16.42 12.72
N ASP A 320 -7.16 15.95 11.74
CA ASP A 320 -6.64 15.42 10.47
C ASP A 320 -5.65 14.29 10.68
N GLY A 321 -5.97 13.40 11.62
CA GLY A 321 -5.16 12.24 11.89
C GLY A 321 -4.17 12.45 13.02
N PRO A 322 -3.93 11.41 13.81
CA PRO A 322 -3.19 11.54 15.08
C PRO A 322 -1.67 11.41 14.99
N GLU A 323 -1.10 11.24 13.81
CA GLU A 323 0.35 11.06 13.65
C GLU A 323 1.15 12.16 14.35
N ASP A 324 2.41 11.87 14.66
CA ASP A 324 3.24 12.84 15.36
C ASP A 324 3.17 14.20 14.71
N ARG A 325 3.08 15.24 15.54
CA ARG A 325 2.84 16.59 15.04
C ARG A 325 3.67 17.58 15.82
N GLY A 326 3.89 18.71 15.20
CA GLY A 326 4.49 19.83 15.87
C GLY A 326 5.60 20.43 15.04
N LYS A 327 6.55 21.07 15.71
CA LYS A 327 7.58 21.87 15.07
C LYS A 327 8.98 21.32 15.31
N HIS A 328 9.11 20.11 15.87
CA HIS A 328 10.41 19.45 16.03
C HIS A 328 10.82 18.79 14.71
N GLN A 329 12.13 18.64 14.53
CA GLN A 329 12.87 18.16 13.36
C GLN A 329 13.08 19.29 12.37
N SER A 330 14.26 19.32 11.77
CA SER A 330 14.56 20.34 10.76
C SER A 330 15.76 19.96 9.89
N GLU A 331 15.86 20.66 8.78
CA GLU A 331 16.96 20.55 7.83
C GLU A 331 17.07 21.90 7.15
N MET A 332 18.29 22.29 6.73
CA MET A 332 18.44 23.64 6.17
C MET A 332 19.25 23.62 4.88
N VAL A 333 18.99 24.63 4.06
CA VAL A 333 19.74 24.94 2.82
C VAL A 333 19.94 26.45 2.79
N GLN A 334 21.19 26.89 2.73
CA GLN A 334 21.46 28.31 2.58
C GLN A 334 20.97 28.78 1.21
N LEU A 335 20.29 29.94 1.17
CA LEU A 335 19.80 30.48 -0.09
C LEU A 335 20.70 31.57 -0.68
N ASP A 336 21.26 32.42 0.16
CA ASP A 336 22.18 33.47 -0.27
C ASP A 336 22.96 33.91 0.95
N LYS A 337 23.70 35.01 0.84
CA LYS A 337 24.52 35.45 1.97
C LYS A 337 23.69 35.61 3.24
N ASN A 338 22.45 36.07 3.13
CA ASN A 338 21.66 36.39 4.30
C ASN A 338 20.59 35.39 4.65
N ARG A 339 20.08 34.62 3.70
CA ARG A 339 18.86 33.86 3.88
C ARG A 339 19.10 32.37 3.93
N ILE A 340 18.33 31.69 4.78
CA ILE A 340 18.41 30.25 4.96
C ILE A 340 17.00 29.68 4.85
N LEU A 341 16.86 28.61 4.09
CA LEU A 341 15.63 27.85 3.97
C LEU A 341 15.66 26.70 4.95
N ILE A 342 14.59 26.56 5.72
CA ILE A 342 14.51 25.54 6.76
C ILE A 342 13.23 24.76 6.54
N SER A 343 13.35 23.43 6.42
CA SER A 343 12.21 22.54 6.54
C SER A 343 12.10 22.14 8.01
N LEU A 344 10.90 22.24 8.60
CA LEU A 344 10.78 21.91 10.01
C LEU A 344 9.43 21.28 10.30
N GLY A 345 9.39 20.48 11.37
CA GLY A 345 8.13 20.00 11.90
C GLY A 345 7.66 18.67 11.35
N GLN A 346 6.50 18.23 11.86
CA GLN A 346 5.93 16.93 11.56
C GLN A 346 4.43 17.11 11.42
N HIS A 347 3.83 16.28 10.56
CA HIS A 347 2.40 16.21 10.23
C HIS A 347 2.04 17.22 9.16
N LYS A 348 1.18 16.83 8.23
CA LYS A 348 0.87 17.68 7.09
C LYS A 348 0.28 19.03 7.52
N ASN A 349 -0.39 19.11 8.68
CA ASN A 349 -0.94 20.40 9.12
C ASN A 349 0.05 21.26 9.87
N HIS A 350 1.26 20.76 10.11
CA HIS A 350 2.19 21.45 10.98
C HIS A 350 3.55 21.71 10.35
N ARG A 351 4.01 20.79 9.49
CA ARG A 351 5.36 20.92 8.95
C ARG A 351 5.41 22.07 7.94
N ARG A 352 6.54 22.78 7.90
CA ARG A 352 6.63 24.00 7.10
C ARG A 352 8.03 24.13 6.50
N LEU A 353 8.09 24.83 5.37
CA LEU A 353 9.32 25.39 4.83
C LEU A 353 9.32 26.88 5.12
N VAL A 354 10.36 27.37 5.77
CA VAL A 354 10.45 28.73 6.28
C VAL A 354 11.77 29.35 5.86
N ILE A 355 11.75 30.60 5.42
CA ILE A 355 12.96 31.34 5.10
C ILE A 355 13.28 32.28 6.26
N VAL A 356 14.54 32.25 6.73
N VAL A 356 14.47 32.16 6.83
CA VAL A 356 15.00 33.00 7.89
CA VAL A 356 14.93 33.10 7.85
C VAL A 356 16.24 33.79 7.49
C VAL A 356 16.09 33.91 7.31
N ASP A 357 16.35 35.02 7.99
CA ASP A 357 17.44 35.92 7.61
C ASP A 357 18.42 36.03 8.76
N ARG A 358 19.71 35.85 8.48
CA ARG A 358 20.70 35.91 9.55
C ARG A 358 20.76 37.28 10.21
N ARG A 359 20.35 38.34 9.52
CA ARG A 359 20.37 39.65 10.16
C ARG A 359 19.30 39.73 11.23
N TRP A 360 18.22 38.96 11.05
CA TRP A 360 17.21 38.85 12.09
C TRP A 360 17.72 37.98 13.23
N VAL A 361 18.44 36.90 12.91
CA VAL A 361 19.07 36.10 13.96
C VAL A 361 19.97 36.96 14.83
N GLY A 362 20.69 37.90 14.23
CA GLY A 362 21.64 38.74 14.93
C GLY A 362 21.07 40.03 15.51
N ALA A 363 19.76 40.22 15.48
CA ALA A 363 19.15 41.43 16.00
C ALA A 363 19.26 41.49 17.52
N LYS A 364 19.25 42.70 18.05
CA LYS A 364 19.42 42.93 19.47
C LYS A 364 18.17 43.43 20.17
N THR A 365 17.07 43.62 19.45
CA THR A 365 15.86 44.16 20.05
C THR A 365 14.65 43.37 19.56
N ARG A 366 13.59 43.41 20.37
CA ARG A 366 12.29 42.88 19.95
C ARG A 366 11.24 43.54 20.82
N ALA A 367 10.05 43.75 20.26
CA ALA A 367 8.95 44.35 21.00
C ALA A 367 7.65 43.68 20.61
N THR A 368 6.65 43.77 21.49
CA THR A 368 5.40 43.06 21.27
C THR A 368 4.27 43.74 22.04
N GLN A 369 3.04 43.53 21.57
CA GLN A 369 1.84 43.95 22.29
C GLN A 369 0.88 42.77 22.23
N THR A 370 0.41 42.30 23.39
CA THR A 370 -0.32 41.03 23.40
C THR A 370 -1.53 41.06 22.48
N GLY A 371 -2.30 42.16 22.49
CA GLY A 371 -3.50 42.24 21.67
C GLY A 371 -3.24 42.11 20.18
N LYS A 372 -2.09 42.60 19.72
CA LYS A 372 -1.74 42.55 18.30
C LYS A 372 -0.99 41.26 17.93
N ASP A 373 -0.17 40.74 18.84
CA ASP A 373 0.85 39.75 18.47
C ASP A 373 0.60 38.37 19.09
N LEU A 374 -0.55 38.15 19.70
CA LEU A 374 -0.76 36.92 20.46
C LEU A 374 -0.57 35.69 19.60
N ASP A 375 -1.23 35.64 18.43
CA ASP A 375 -1.24 34.41 17.64
C ASP A 375 0.16 34.05 17.12
N SER A 376 0.96 35.04 16.77
CA SER A 376 2.25 34.78 16.15
C SER A 376 3.37 34.61 17.17
N GLN A 377 3.29 35.30 18.32
CA GLN A 377 4.45 35.45 19.17
C GLN A 377 4.31 34.91 20.58
N TRP A 378 3.12 34.57 21.04
CA TRP A 378 2.93 34.30 22.46
C TRP A 378 2.57 32.85 22.71
N THR A 379 3.31 32.22 23.62
CA THR A 379 2.96 30.88 24.08
C THR A 379 2.11 31.02 25.34
N ILE A 380 0.87 30.55 25.27
CA ILE A 380 -0.10 30.74 26.34
C ILE A 380 -0.87 29.46 26.63
N HIS A 381 -0.56 28.35 25.95
CA HIS A 381 -1.43 27.19 26.06
C HIS A 381 -1.32 26.48 27.40
N THR A 382 -2.47 26.05 27.89
CA THR A 382 -2.51 25.02 28.93
C THR A 382 -2.99 23.73 28.29
N TYR A 383 -2.97 22.66 29.05
CA TYR A 383 -3.32 21.34 28.53
C TYR A 383 -4.52 20.78 29.25
N ILE A 384 -5.38 20.11 28.49
CA ILE A 384 -6.41 19.24 29.06
C ILE A 384 -5.69 17.92 29.32
N PRO A 385 -5.44 17.54 30.58
CA PRO A 385 -4.53 16.42 30.86
C PRO A 385 -5.18 15.05 30.69
N GLN A 386 -5.70 14.80 29.48
CA GLN A 386 -6.25 13.50 29.09
C GLN A 386 -5.52 13.09 27.82
N LYS A 387 -4.77 12.00 27.87
CA LYS A 387 -4.02 11.58 26.70
C LYS A 387 -4.96 11.23 25.55
N LYS A 388 -4.67 11.77 24.37
CA LYS A 388 -5.49 11.59 23.18
C LYS A 388 -4.56 11.37 21.99
N GLY A 389 -5.11 10.79 20.93
CA GLY A 389 -4.32 10.58 19.74
C GLY A 389 -3.12 9.71 20.06
N HIS A 390 -1.95 10.11 19.56
CA HIS A 390 -0.71 9.41 19.84
C HIS A 390 0.15 10.30 20.75
N CYS A 391 0.19 9.97 22.04
CA CYS A 391 1.01 10.70 23.01
C CYS A 391 0.76 12.20 22.98
N SER A 392 -0.50 12.62 22.89
CA SER A 392 -0.79 14.05 22.78
C SER A 392 -1.79 14.49 23.83
N TYR A 393 -1.77 15.78 24.13
CA TYR A 393 -2.86 16.41 24.87
C TYR A 393 -3.55 17.43 23.98
N ASN A 394 -4.88 17.51 24.09
CA ASN A 394 -5.58 18.71 23.63
C ASN A 394 -5.26 19.88 24.55
N ARG A 395 -5.47 21.09 24.06
CA ARG A 395 -5.08 22.32 24.75
C ARG A 395 -6.26 23.27 24.88
N LYS A 396 -6.06 24.31 25.70
CA LYS A 396 -6.90 25.50 25.66
C LYS A 396 -5.96 26.68 25.78
N PRO A 397 -6.33 27.85 25.26
CA PRO A 397 -5.58 29.05 25.65
C PRO A 397 -5.73 29.28 27.15
N SER A 398 -4.63 29.51 27.85
CA SER A 398 -4.71 29.67 29.29
C SER A 398 -5.04 31.10 29.71
N ALA A 399 -5.06 32.02 28.75
CA ALA A 399 -5.32 33.42 28.99
C ALA A 399 -6.03 33.98 27.76
N GLU A 400 -6.83 35.03 27.97
CA GLU A 400 -7.61 35.60 26.90
C GLU A 400 -7.42 37.11 26.83
N LEU A 401 -7.57 37.64 25.63
CA LEU A 401 -7.56 39.09 25.44
C LEU A 401 -8.86 39.72 25.89
N VAL A 402 -8.75 40.85 26.59
CA VAL A 402 -9.90 41.61 27.03
C VAL A 402 -9.66 43.08 26.69
N GLN A 403 -10.73 43.85 26.78
CA GLN A 403 -10.63 45.28 26.54
C GLN A 403 -9.73 45.92 27.59
N ASP A 404 -8.87 46.83 27.15
CA ASP A 404 -8.09 47.63 28.08
C ASP A 404 -9.03 48.50 28.92
N PRO A 405 -9.01 48.38 30.25
CA PRO A 405 -9.91 49.20 31.08
C PRO A 405 -9.62 50.69 31.00
N SER A 406 -8.44 51.09 30.52
CA SER A 406 -8.16 52.50 30.32
C SER A 406 -8.95 53.09 29.15
N GLY A 407 -9.60 52.25 28.35
CA GLY A 407 -10.33 52.70 27.20
C GLY A 407 -9.58 52.47 25.91
N GLY A 408 -10.08 53.09 24.86
CA GLY A 408 -9.41 52.96 23.58
C GLY A 408 -9.65 51.59 22.96
N THR A 409 -8.83 51.30 21.96
CA THR A 409 -8.99 50.10 21.15
C THR A 409 -8.03 48.97 21.55
N LYS A 410 -7.14 49.21 22.50
CA LYS A 410 -6.17 48.20 22.90
C LYS A 410 -6.87 46.98 23.48
N LYS A 411 -6.40 45.79 23.08
CA LYS A 411 -6.75 44.55 23.75
C LYS A 411 -5.52 44.07 24.50
N VAL A 412 -5.74 43.51 25.71
CA VAL A 412 -4.65 43.12 26.60
C VAL A 412 -4.96 41.74 27.19
N LEU A 413 -3.92 41.07 27.70
CA LEU A 413 -4.01 39.66 28.05
C LEU A 413 -4.26 39.47 29.54
N GLN A 414 -5.36 38.80 29.88
CA GLN A 414 -5.71 38.55 31.28
C GLN A 414 -5.12 37.21 31.72
N ILE A 415 -4.22 37.27 32.70
CA ILE A 415 -3.51 36.11 33.23
C ILE A 415 -3.97 35.87 34.66
N LYS A 416 -4.61 34.72 34.90
CA LYS A 416 -5.27 34.47 36.18
C LYS A 416 -5.32 32.97 36.45
N ARG A 417 -5.69 32.62 37.68
CA ARG A 417 -5.99 31.24 38.02
C ARG A 417 -7.40 30.91 37.52
N LEU A 418 -7.51 29.88 36.69
CA LEU A 418 -8.73 29.53 35.97
C LEU A 418 -9.63 28.66 36.83
N ASP A 419 -10.93 28.83 36.64
CA ASP A 419 -11.94 27.96 37.21
C ASP A 419 -12.34 26.95 36.12
N ASP A 420 -11.51 25.93 35.95
CA ASP A 420 -11.71 24.95 34.89
C ASP A 420 -11.31 23.56 35.37
N PRO A 421 -12.25 22.74 35.83
CA PRO A 421 -11.89 21.37 36.24
C PRO A 421 -11.35 20.51 35.13
N GLU A 422 -11.59 20.89 33.87
CA GLU A 422 -11.09 20.08 32.77
C GLU A 422 -9.56 20.11 32.66
N LEU A 423 -8.91 21.03 33.34
CA LEU A 423 -7.46 21.16 33.33
C LEU A 423 -6.79 20.38 34.45
N VAL A 424 -7.55 19.52 35.12
CA VAL A 424 -7.06 18.70 36.24
C VAL A 424 -7.21 17.22 35.90
N ASN A 425 -6.19 16.44 36.22
CA ASN A 425 -6.29 14.98 36.20
C ASN A 425 -5.79 14.50 37.56
N GLU A 426 -6.72 13.98 38.36
CA GLU A 426 -6.36 13.60 39.73
C GLU A 426 -5.51 12.35 39.77
N LYS A 427 -5.68 11.42 38.82
CA LYS A 427 -4.91 10.19 38.82
C LYS A 427 -3.47 10.46 38.40
N SER A 428 -3.28 11.23 37.33
N SER A 428 -3.27 11.22 37.32
CA SER A 428 -1.92 11.60 36.94
CA SER A 428 -1.93 11.61 36.94
C SER A 428 -1.37 12.74 37.78
C SER A 428 -1.34 12.61 37.92
N ASN A 429 -2.20 13.28 38.69
CA ASN A 429 -1.79 14.27 39.69
C ASN A 429 -1.19 15.55 39.08
N VAL A 430 -1.93 16.14 38.15
CA VAL A 430 -1.53 17.40 37.54
C VAL A 430 -2.73 18.35 37.52
N ASP A 431 -2.42 19.64 37.60
CA ASP A 431 -3.42 20.70 37.72
C ASP A 431 -2.87 21.90 36.97
N TYR A 432 -3.39 22.12 35.77
CA TYR A 432 -2.87 23.13 34.86
C TYR A 432 -3.76 24.38 34.81
N ARG A 433 -4.37 24.74 35.95
CA ARG A 433 -5.31 25.84 35.99
C ARG A 433 -4.67 27.22 36.13
N ASN A 434 -3.36 27.32 36.35
CA ASN A 434 -2.73 28.63 36.43
C ASN A 434 -2.41 29.12 35.02
N GLY A 435 -3.13 30.13 34.56
CA GLY A 435 -2.85 30.72 33.28
C GLY A 435 -1.53 31.46 33.29
N GLY A 436 -0.94 31.58 32.10
CA GLY A 436 0.38 32.19 31.97
C GLY A 436 0.69 32.50 30.52
N ALA A 437 1.92 32.99 30.29
CA ALA A 437 2.27 33.49 28.96
C ALA A 437 3.78 33.65 28.90
N THR A 438 4.36 33.30 27.75
CA THR A 438 5.80 33.47 27.58
C THR A 438 6.15 33.94 26.16
N TRP A 439 7.27 34.67 26.08
CA TRP A 439 7.63 35.39 24.87
C TRP A 439 9.15 35.40 24.73
N ASN A 440 9.61 35.20 23.50
CA ASN A 440 11.02 35.04 23.16
C ASN A 440 11.66 36.38 22.80
N PHE A 441 12.96 36.50 23.06
CA PHE A 441 13.72 37.64 22.54
C PHE A 441 15.15 37.19 22.31
N PRO A 442 15.91 37.92 21.49
CA PRO A 442 17.29 37.51 21.21
C PRO A 442 18.10 37.34 22.50
N ASN A 443 18.97 36.34 22.51
CA ASN A 443 19.67 35.97 23.73
C ASN A 443 20.62 37.07 24.17
N GLY A 444 20.70 37.28 25.48
CA GLY A 444 21.73 38.14 26.02
C GLY A 444 22.15 37.75 27.41
N THR A 445 23.46 37.83 27.71
CA THR A 445 23.92 37.76 29.10
C THR A 445 23.79 39.10 29.81
N THR A 446 23.63 40.19 29.06
CA THR A 446 23.26 41.49 29.59
C THR A 446 22.09 42.00 28.76
N GLY A 447 21.11 42.61 29.41
CA GLY A 447 19.95 43.04 28.66
C GLY A 447 19.00 43.85 29.52
N LEU A 448 17.98 44.38 28.86
CA LEU A 448 16.94 45.15 29.52
C LEU A 448 15.60 44.76 28.92
N VAL A 449 14.68 44.29 29.77
N VAL A 449 14.68 44.28 29.77
CA VAL A 449 13.33 43.92 29.35
CA VAL A 449 13.34 43.92 29.34
C VAL A 449 12.33 44.75 30.15
C VAL A 449 12.34 44.74 30.14
N LYS A 450 11.34 45.30 29.46
CA LYS A 450 10.32 46.11 30.09
C LYS A 450 8.97 45.55 29.72
N PHE A 451 8.04 45.53 30.67
CA PHE A 451 6.68 45.10 30.38
C PHE A 451 5.70 45.99 31.13
N ARG A 452 4.47 46.04 30.62
CA ARG A 452 3.42 46.90 31.16
C ARG A 452 2.26 46.03 31.61
N PHE A 453 1.80 46.22 32.85
CA PHE A 453 0.82 45.33 33.45
C PHE A 453 -0.13 46.13 34.33
N ARG A 454 -1.26 45.51 34.68
CA ARG A 454 -2.28 46.16 35.48
C ARG A 454 -3.02 45.10 36.29
N VAL A 455 -3.27 45.40 37.57
CA VAL A 455 -4.02 44.48 38.42
C VAL A 455 -5.50 44.61 38.06
N VAL A 456 -6.15 43.47 37.78
CA VAL A 456 -7.58 43.48 37.44
C VAL A 456 -8.40 43.89 38.65
N ASP A 457 -9.38 44.78 38.42
CA ASP A 457 -10.33 45.20 39.45
C ASP A 457 -11.34 44.06 39.60
N GLY A 458 -11.06 43.18 40.55
CA GLY A 458 -11.92 42.02 40.77
C GLY A 458 -11.45 41.27 41.98
N GLU A 459 -12.23 40.27 42.36
CA GLU A 459 -11.87 39.46 43.51
C GLU A 459 -10.56 38.75 43.25
N GLN A 460 -9.70 38.72 44.26
CA GLN A 460 -8.41 38.05 44.18
C GLN A 460 -8.27 37.13 45.39
N ALA A 461 -7.48 36.09 45.22
CA ALA A 461 -7.19 35.15 46.29
C ALA A 461 -5.97 35.61 47.08
N ASP A 462 -5.77 34.99 48.24
CA ASP A 462 -4.71 35.42 49.14
C ASP A 462 -3.34 35.33 48.46
N ASP A 463 -3.17 34.36 47.57
CA ASP A 463 -1.89 34.15 46.91
C ASP A 463 -1.89 34.59 45.46
N SER A 464 -2.85 35.41 45.05
CA SER A 464 -2.93 35.85 43.66
C SER A 464 -1.75 36.77 43.29
N GLY A 465 -1.41 36.77 42.01
CA GLY A 465 -0.29 37.55 41.53
C GLY A 465 0.32 36.90 40.30
N LEU A 466 1.58 37.24 40.07
CA LEU A 466 2.26 36.85 38.84
C LEU A 466 3.70 36.57 39.19
N GLN A 467 4.16 35.38 38.82
CA GLN A 467 5.57 35.04 38.93
C GLN A 467 6.23 35.35 37.60
N VAL A 468 7.22 36.23 37.63
CA VAL A 468 7.90 36.73 36.44
C VAL A 468 9.30 36.14 36.41
N SER A 469 9.66 35.48 35.31
CA SER A 469 10.93 34.80 35.21
C SER A 469 11.63 35.11 33.89
N LEU A 470 12.96 35.25 33.94
CA LEU A 470 13.77 35.25 32.73
C LEU A 470 14.39 33.86 32.60
N THR A 471 14.23 33.25 31.44
CA THR A 471 14.66 31.86 31.27
C THR A 471 15.50 31.72 30.00
N ASP A 472 16.16 30.57 29.88
CA ASP A 472 17.02 30.29 28.73
C ASP A 472 16.43 29.26 27.79
N ARG A 473 15.18 28.87 27.98
CA ARG A 473 14.42 28.16 26.95
C ARG A 473 12.95 28.38 27.25
N LEU A 474 12.10 27.85 26.38
CA LEU A 474 10.66 28.08 26.46
C LEU A 474 10.04 27.10 27.45
N PHE A 475 9.51 27.63 28.56
CA PHE A 475 8.76 26.86 29.54
C PHE A 475 7.28 27.02 29.28
N ASN A 476 6.52 25.95 29.45
CA ASN A 476 5.09 26.06 29.19
C ASN A 476 4.47 27.17 30.03
N ALA A 477 3.45 27.80 29.44
CA ALA A 477 2.73 28.89 30.06
C ALA A 477 2.12 28.49 31.39
N CYS A 478 1.73 27.23 31.53
CA CYS A 478 1.07 26.72 32.71
C CYS A 478 2.04 26.03 33.66
N ASP A 479 3.35 26.15 33.44
CA ASP A 479 4.34 25.44 34.26
C ASP A 479 4.75 26.30 35.45
N SER A 480 4.21 25.98 36.62
CA SER A 480 4.48 26.73 37.84
C SER A 480 5.89 26.52 38.37
N THR A 481 6.64 25.54 37.85
CA THR A 481 7.97 25.28 38.33
C THR A 481 9.02 26.10 37.59
N THR A 482 8.60 26.92 36.62
CA THR A 482 9.53 27.69 35.82
C THR A 482 10.49 28.49 36.70
N LYS A 483 9.96 29.12 37.75
CA LYS A 483 10.78 29.91 38.65
C LYS A 483 11.97 29.12 39.19
N ASP A 484 11.80 27.81 39.38
CA ASP A 484 12.85 27.00 39.98
C ASP A 484 14.05 26.81 39.05
N TYR A 485 13.86 26.98 37.74
CA TYR A 485 14.90 26.83 36.74
C TYR A 485 15.34 28.17 36.17
N ALA A 486 14.69 29.26 36.58
CA ALA A 486 14.90 30.54 35.91
C ALA A 486 16.26 31.13 36.23
N LEU A 487 16.75 31.96 35.31
CA LEU A 487 17.95 32.76 35.59
C LEU A 487 17.67 33.80 36.67
N PHE A 488 16.54 34.52 36.53
CA PHE A 488 16.05 35.48 37.50
C PHE A 488 14.54 35.30 37.61
N THR A 489 14.00 35.51 38.81
CA THR A 489 12.56 35.35 39.00
C THR A 489 12.13 36.15 40.22
N PHE A 490 10.90 36.64 40.18
CA PHE A 490 10.34 37.32 41.35
C PHE A 490 8.84 37.33 41.23
N PRO A 491 8.14 37.48 42.35
CA PRO A 491 6.67 37.55 42.28
C PRO A 491 6.13 38.96 42.43
N ILE A 492 5.05 39.20 41.71
CA ILE A 492 4.14 40.31 41.96
C ILE A 492 3.02 39.74 42.81
N ARG A 493 2.85 40.28 44.03
CA ARG A 493 1.84 39.80 44.94
C ARG A 493 0.72 40.82 45.01
N LEU A 494 -0.52 40.34 44.98
CA LEU A 494 -1.67 41.24 44.98
C LEU A 494 -2.22 41.54 46.36
N LYS A 495 -1.99 40.68 47.34
CA LYS A 495 -2.56 40.82 48.65
C LYS A 495 -1.45 40.83 49.69
N PRO A 496 -1.64 41.52 50.83
CA PRO A 496 -2.83 42.29 51.24
C PRO A 496 -3.13 43.47 50.32
N ALA A 497 -2.07 44.10 49.79
CA ALA A 497 -2.15 45.11 48.76
C ALA A 497 -1.04 44.83 47.75
N PRO A 498 -1.14 45.40 46.55
CA PRO A 498 -0.19 45.02 45.50
C PRO A 498 1.24 45.45 45.80
N HIS A 499 2.19 44.55 45.52
CA HIS A 499 3.59 44.89 45.74
C HIS A 499 4.46 43.91 44.97
N LEU A 500 5.65 44.38 44.59
CA LEU A 500 6.72 43.50 44.16
C LEU A 500 7.45 42.97 45.39
N LEU A 501 7.92 41.73 45.29
CA LEU A 501 8.81 41.18 46.32
C LEU A 501 10.16 40.96 45.65
N LEU A 502 11.14 41.77 46.04
CA LEU A 502 12.49 41.73 45.45
C LEU A 502 13.43 41.33 46.57
N GLY A 503 13.69 40.03 46.67
CA GLY A 503 14.41 39.48 47.81
C GLY A 503 13.54 39.52 49.05
N MET A 504 13.90 40.37 50.00
CA MET A 504 13.06 40.65 51.15
C MET A 504 12.28 41.95 51.02
N LYS A 505 12.62 42.78 50.04
CA LYS A 505 12.03 44.10 49.92
C LYS A 505 10.66 44.02 49.24
N LYS A 506 9.68 44.70 49.84
CA LYS A 506 8.34 44.81 49.27
C LYS A 506 8.16 46.22 48.73
N VAL A 507 7.75 46.32 47.47
CA VAL A 507 7.60 47.59 46.78
C VAL A 507 6.14 47.75 46.38
N PRO A 508 5.36 48.56 47.10
CA PRO A 508 3.93 48.68 46.80
C PRO A 508 3.67 49.49 45.55
N PHE A 509 2.51 49.23 44.93
CA PHE A 509 2.08 50.01 43.78
C PHE A 509 0.56 49.98 43.73
N THR A 510 -0.01 50.83 42.87
CA THR A 510 -1.46 50.93 42.97
C THR A 510 -2.14 49.86 42.11
N PRO A 511 -3.27 49.33 42.55
CA PRO A 511 -4.08 48.47 41.69
C PRO A 511 -4.88 49.32 40.71
N GLY A 512 -5.46 48.65 39.71
CA GLY A 512 -6.34 49.36 38.78
C GLY A 512 -5.67 50.46 38.00
N ALA A 513 -4.37 50.35 37.76
CA ALA A 513 -3.63 51.33 36.98
C ALA A 513 -2.53 50.59 36.24
N TRP A 514 -2.19 51.09 35.06
CA TRP A 514 -1.08 50.50 34.32
C TRP A 514 0.25 50.90 34.94
N HIS A 515 1.17 49.92 34.99
CA HIS A 515 2.53 50.13 35.48
C HIS A 515 3.51 49.44 34.56
N GLU A 516 4.74 49.94 34.58
CA GLU A 516 5.83 49.35 33.83
C GLU A 516 6.90 48.84 34.80
N ILE A 517 7.40 47.65 34.55
CA ILE A 517 8.52 47.09 35.28
C ILE A 517 9.65 46.84 34.29
N SER A 518 10.87 47.21 34.67
CA SER A 518 12.06 46.97 33.86
C SER A 518 12.98 46.03 34.61
N LEU A 519 13.59 45.08 33.90
CA LEU A 519 14.62 44.22 34.46
C LEU A 519 15.87 44.43 33.63
N LEU A 520 16.91 44.99 34.25
CA LEU A 520 18.20 45.18 33.59
C LEU A 520 19.15 44.18 34.21
N TRP A 521 19.51 43.15 33.44
CA TRP A 521 20.35 42.08 33.97
C TRP A 521 21.76 42.14 33.36
N GLN A 522 22.73 41.74 34.18
CA GLN A 522 24.13 41.66 33.78
C GLN A 522 24.81 40.71 34.74
N GLY A 523 25.46 39.69 34.19
CA GLY A 523 26.11 38.71 35.06
C GLY A 523 25.09 38.05 35.98
N GLY A 524 25.41 38.03 37.27
CA GLY A 524 24.58 37.34 38.24
C GLY A 524 23.61 38.23 38.98
N GLN A 525 23.33 39.42 38.44
CA GLN A 525 22.48 40.37 39.13
C GLN A 525 21.52 41.02 38.15
N ALA A 526 20.31 41.34 38.63
CA ALA A 526 19.32 42.08 37.87
C ALA A 526 18.81 43.23 38.71
N VAL A 527 18.74 44.43 38.13
CA VAL A 527 18.14 45.58 38.78
C VAL A 527 16.72 45.75 38.26
N VAL A 528 15.77 45.87 39.19
CA VAL A 528 14.34 45.91 38.89
C VAL A 528 13.85 47.33 39.12
N SER A 529 13.16 47.89 38.13
CA SER A 529 12.60 49.23 38.25
C SER A 529 11.09 49.17 38.06
N LEU A 530 10.41 50.15 38.66
CA LEU A 530 8.95 50.29 38.59
C LEU A 530 8.63 51.71 38.17
N ASP A 531 7.92 51.86 37.06
CA ASP A 531 7.52 53.18 36.56
C ASP A 531 8.70 54.14 36.50
N GLY A 532 9.85 53.61 36.10
CA GLY A 532 11.04 54.41 35.90
C GLY A 532 11.87 54.71 37.13
N LYS A 533 11.60 54.07 38.26
CA LYS A 533 12.36 54.30 39.49
C LYS A 533 12.93 52.97 39.97
N LYS A 534 14.22 52.96 40.28
CA LYS A 534 14.84 51.76 40.83
C LYS A 534 14.02 51.26 42.01
N ALA A 535 13.64 49.98 41.96
CA ALA A 535 12.85 49.33 43.00
C ALA A 535 13.62 48.34 43.83
N GLY A 536 14.56 47.62 43.25
CA GLY A 536 15.32 46.63 44.00
C GLY A 536 16.24 45.87 43.07
N THR A 537 16.81 44.78 43.60
CA THR A 537 17.74 43.96 42.83
C THR A 537 17.43 42.49 43.07
N LEU A 538 17.81 41.66 42.10
CA LEU A 538 17.63 40.22 42.19
C LEU A 538 18.97 39.53 41.99
N LYS A 539 19.23 38.52 42.82
CA LYS A 539 20.37 37.63 42.63
C LYS A 539 19.97 36.53 41.66
N MET A 540 20.92 36.13 40.80
CA MET A 540 20.56 35.15 39.78
C MET A 540 20.32 33.81 40.46
N ALA A 541 19.24 33.14 40.08
CA ALA A 541 18.83 31.89 40.74
C ALA A 541 19.46 30.67 40.12
N ASN A 542 19.74 30.71 38.82
CA ASN A 542 20.37 29.60 38.13
C ASN A 542 21.27 30.21 37.07
N LYS A 543 22.48 29.68 36.97
CA LYS A 543 23.37 30.06 35.89
C LYS A 543 22.88 29.48 34.56
N SER A 544 23.35 30.07 33.47
CA SER A 544 23.03 29.60 32.13
C SER A 544 24.29 29.52 31.30
N PRO A 545 24.41 28.52 30.43
CA PRO A 545 25.52 28.53 29.47
C PRO A 545 25.37 29.61 28.41
N ASN A 546 24.16 30.14 28.22
CA ASN A 546 23.87 31.02 27.09
C ASN A 546 23.45 32.42 27.47
N GLY A 547 22.53 32.56 28.42
CA GLY A 547 21.93 33.85 28.71
C GLY A 547 20.41 33.75 28.70
N ALA A 548 19.75 34.89 28.82
CA ALA A 548 18.29 34.94 28.83
C ALA A 548 17.75 35.17 27.42
N SER A 549 16.71 34.41 27.08
CA SER A 549 16.04 34.59 25.80
C SER A 549 14.52 34.44 25.90
N TYR A 550 13.96 34.35 27.12
CA TYR A 550 12.52 34.32 27.32
C TYR A 550 12.19 35.09 28.58
N ILE A 551 11.02 35.73 28.57
CA ILE A 551 10.34 36.15 29.78
C ILE A 551 9.06 35.33 29.91
N HIS A 552 8.80 34.88 31.14
CA HIS A 552 7.74 33.95 31.45
C HIS A 552 6.91 34.54 32.57
N PHE A 553 5.59 34.59 32.37
CA PHE A 553 4.66 35.15 33.34
C PHE A 553 3.65 34.07 33.67
N ILE A 554 3.47 33.74 34.95
CA ILE A 554 2.43 32.79 35.30
C ILE A 554 1.71 33.24 36.55
N SER A 555 0.37 33.10 36.54
CA SER A 555 -0.45 33.40 37.70
C SER A 555 -0.03 32.53 38.88
N THR A 556 -0.26 33.04 40.10
CA THR A 556 0.12 32.35 41.32
C THR A 556 -1.07 31.99 42.20
N GLY A 557 -2.26 32.49 41.91
CA GLY A 557 -3.41 32.18 42.75
C GLY A 557 -3.67 30.68 42.79
N SER A 558 -4.17 30.20 43.92
CA SER A 558 -4.55 28.80 44.04
C SER A 558 -6.06 28.61 44.11
N GLN A 559 -6.84 29.69 43.98
CA GLN A 559 -8.27 29.66 43.77
C GLN A 559 -8.61 30.65 42.67
N PRO A 560 -9.73 30.47 41.99
CA PRO A 560 -10.06 31.36 40.86
C PRO A 560 -10.01 32.83 41.27
N ASP A 561 -9.38 33.65 40.43
CA ASP A 561 -9.17 35.05 40.75
C ASP A 561 -9.29 35.89 39.48
N ALA A 562 -9.11 37.19 39.62
CA ALA A 562 -9.17 38.09 38.48
C ALA A 562 -7.81 38.27 37.84
N GLY A 563 -6.74 38.17 38.64
CA GLY A 563 -5.40 38.22 38.07
C GLY A 563 -4.95 39.60 37.61
N ILE A 564 -4.15 39.59 36.55
CA ILE A 564 -3.49 40.78 36.01
C ILE A 564 -3.68 40.85 34.50
N LEU A 565 -3.48 42.05 33.95
CA LEU A 565 -3.47 42.26 32.50
C LEU A 565 -2.06 42.61 32.05
N LEU A 566 -1.70 42.09 30.88
CA LEU A 566 -0.37 42.27 30.30
C LEU A 566 -0.53 42.93 28.93
N ASP A 567 0.18 44.05 28.73
CA ASP A 567 0.03 44.86 27.53
C ASP A 567 1.25 44.65 26.65
N THR A 568 2.33 45.41 26.85
CA THR A 568 3.50 45.37 25.99
C THR A 568 4.68 44.72 26.71
N VAL A 569 5.60 44.20 25.91
CA VAL A 569 6.92 43.77 26.34
C VAL A 569 7.90 44.23 25.28
N ASN A 570 9.06 44.73 25.70
CA ASN A 570 10.15 44.96 24.77
C ASN A 570 11.45 44.52 25.42
N ALA A 571 12.43 44.19 24.58
CA ALA A 571 13.70 43.69 25.06
C ALA A 571 14.81 44.28 24.20
N ARG A 572 15.95 44.53 24.83
CA ARG A 572 17.15 44.93 24.13
C ARG A 572 18.31 44.24 24.83
N VAL A 573 19.19 43.59 24.06
CA VAL A 573 20.29 42.85 24.64
C VAL A 573 21.60 43.42 24.11
N LYS A 574 22.67 43.15 24.84
CA LYS A 574 23.98 43.69 24.50
C LYS A 574 24.69 42.78 23.51
N VAL B 4 -3.12 -11.67 0.35
CA VAL B 4 -4.23 -12.46 -0.19
C VAL B 4 -3.71 -13.65 -0.98
N PRO B 5 -4.21 -14.85 -0.65
CA PRO B 5 -3.65 -16.07 -1.23
C PRO B 5 -4.04 -16.23 -2.70
N GLU B 6 -3.08 -16.72 -3.45
CA GLU B 6 -3.33 -17.24 -4.78
C GLU B 6 -4.16 -18.53 -4.65
N PRO B 7 -4.76 -19.00 -5.75
CA PRO B 7 -5.52 -20.25 -5.69
C PRO B 7 -4.65 -21.39 -5.16
N GLU B 8 -5.24 -22.25 -4.33
CA GLU B 8 -4.54 -23.33 -3.66
C GLU B 8 -5.22 -24.66 -3.98
N VAL B 9 -4.47 -25.59 -4.56
CA VAL B 9 -4.98 -26.94 -4.76
C VAL B 9 -4.94 -27.66 -3.42
N VAL B 10 -6.07 -28.27 -3.03
CA VAL B 10 -6.16 -28.98 -1.75
C VAL B 10 -6.41 -30.47 -1.89
N ALA B 11 -6.91 -30.97 -3.02
CA ALA B 11 -7.22 -32.38 -3.13
C ALA B 11 -7.52 -32.70 -4.59
N THR B 12 -7.68 -33.99 -4.88
CA THR B 12 -8.22 -34.45 -6.15
C THR B 12 -9.59 -35.06 -5.89
N PRO B 13 -10.67 -34.60 -6.51
CA PRO B 13 -11.99 -35.20 -6.24
C PRO B 13 -12.09 -36.60 -6.82
N PRO B 14 -12.97 -37.44 -6.27
CA PRO B 14 -13.07 -38.85 -6.70
C PRO B 14 -13.96 -39.07 -7.91
N ALA B 15 -14.42 -37.99 -8.51
CA ALA B 15 -15.10 -38.03 -9.80
C ALA B 15 -14.74 -36.74 -10.53
N ASP B 16 -14.99 -36.73 -11.83
CA ASP B 16 -14.89 -35.49 -12.59
C ASP B 16 -15.76 -34.42 -11.95
N ALA B 17 -15.35 -33.16 -12.10
CA ALA B 17 -16.10 -32.09 -11.43
C ALA B 17 -17.44 -31.83 -12.12
N GLY B 18 -18.33 -31.18 -11.36
CA GLY B 18 -19.56 -30.62 -11.90
C GLY B 18 -20.78 -31.08 -11.16
N ARG B 19 -20.68 -32.20 -10.43
CA ARG B 19 -21.78 -32.74 -9.66
C ARG B 19 -21.18 -33.47 -8.48
N GLY B 20 -21.89 -33.45 -7.36
CA GLY B 20 -21.55 -34.27 -6.22
C GLY B 20 -20.86 -33.56 -5.07
N LEU B 21 -20.47 -32.29 -5.24
CA LEU B 21 -19.87 -31.53 -4.15
C LEU B 21 -20.99 -30.92 -3.32
N ILE B 22 -20.99 -31.19 -2.01
CA ILE B 22 -22.15 -30.81 -1.19
C ILE B 22 -21.68 -30.49 0.24
N ARG B 23 -22.06 -29.32 0.72
CA ARG B 23 -21.84 -29.01 2.14
C ARG B 23 -22.82 -29.78 3.03
N VAL B 24 -22.27 -30.39 4.07
CA VAL B 24 -23.08 -31.11 5.07
C VAL B 24 -23.46 -30.22 6.25
N ASP B 25 -22.49 -29.51 6.81
CA ASP B 25 -22.73 -28.57 7.89
C ASP B 25 -21.62 -27.53 7.84
N SER B 26 -21.45 -26.75 8.91
CA SER B 26 -20.55 -25.62 8.87
C SER B 26 -19.09 -26.03 8.68
N ARG B 27 -18.74 -27.28 9.04
CA ARG B 27 -17.36 -27.74 8.90
C ARG B 27 -17.16 -28.92 7.96
N GLU B 28 -18.21 -29.64 7.60
CA GLU B 28 -18.09 -30.87 6.83
C GLU B 28 -18.59 -30.65 5.40
N ILE B 29 -17.74 -31.02 4.44
CA ILE B 29 -18.05 -30.96 3.02
C ILE B 29 -17.68 -32.30 2.39
N ARG B 30 -18.51 -32.76 1.46
CA ARG B 30 -18.31 -34.05 0.80
C ARG B 30 -18.30 -33.89 -0.71
N HIS B 31 -17.57 -34.77 -1.40
CA HIS B 31 -17.68 -34.90 -2.85
C HIS B 31 -17.98 -36.36 -3.14
N TYR B 32 -19.18 -36.65 -3.64
CA TYR B 32 -19.59 -38.01 -3.93
C TYR B 32 -18.90 -38.48 -5.23
N SER B 33 -19.13 -39.73 -5.60
CA SER B 33 -18.43 -40.33 -6.72
C SER B 33 -19.42 -41.10 -7.59
N GLY B 34 -18.93 -41.48 -8.78
CA GLY B 34 -19.69 -42.34 -9.68
C GLY B 34 -19.41 -43.82 -9.54
N THR B 35 -18.84 -44.24 -8.41
CA THR B 35 -18.47 -45.64 -8.27
C THR B 35 -19.64 -46.56 -8.56
N ARG B 36 -19.34 -47.67 -9.23
CA ARG B 36 -20.30 -48.74 -9.46
C ARG B 36 -20.38 -49.71 -8.30
N LYS B 37 -19.48 -49.59 -7.32
CA LYS B 37 -19.46 -50.49 -6.18
C LYS B 37 -20.17 -49.83 -5.01
N GLU B 38 -19.79 -50.17 -3.79
CA GLU B 38 -20.41 -49.55 -2.63
C GLU B 38 -20.15 -48.05 -2.67
N PRO B 39 -21.18 -47.21 -2.55
CA PRO B 39 -20.97 -45.77 -2.67
C PRO B 39 -20.00 -45.23 -1.63
N ASP B 40 -19.29 -44.18 -2.01
CA ASP B 40 -18.27 -43.55 -1.17
C ASP B 40 -18.26 -42.05 -1.45
N TYR B 41 -17.38 -41.35 -0.75
CA TYR B 41 -17.25 -39.92 -0.98
C TYR B 41 -15.91 -39.48 -0.39
N LEU B 42 -15.43 -38.35 -0.88
CA LEU B 42 -14.29 -37.67 -0.30
C LEU B 42 -14.82 -36.63 0.67
N VAL B 43 -14.27 -36.58 1.86
CA VAL B 43 -14.83 -35.74 2.91
C VAL B 43 -13.76 -34.89 3.57
N SER B 44 -14.12 -33.64 3.85
CA SER B 44 -13.35 -32.73 4.67
C SER B 44 -14.16 -32.42 5.92
N ARG B 45 -13.50 -32.45 7.07
CA ARG B 45 -14.16 -32.09 8.33
C ARG B 45 -13.61 -30.79 8.87
N ASP B 46 -12.76 -30.10 8.11
CA ASP B 46 -12.16 -28.83 8.49
C ASP B 46 -12.48 -27.76 7.47
N ASN B 47 -13.70 -27.79 6.96
CA ASN B 47 -14.19 -26.74 6.05
C ASN B 47 -13.34 -26.61 4.80
N GLY B 48 -12.89 -27.74 4.24
CA GLY B 48 -12.29 -27.75 2.92
C GLY B 48 -10.79 -27.85 2.87
N LYS B 49 -10.10 -27.87 4.01
CA LYS B 49 -8.64 -27.85 3.97
C LYS B 49 -8.02 -29.22 3.73
N THR B 50 -8.49 -30.25 4.43
CA THR B 50 -7.96 -31.59 4.27
C THR B 50 -9.10 -32.57 3.99
N TRP B 51 -8.75 -33.68 3.34
CA TRP B 51 -9.73 -34.55 2.70
C TRP B 51 -9.28 -36.00 2.81
N GLU B 52 -10.25 -36.90 2.90
CA GLU B 52 -9.98 -38.33 2.81
C GLU B 52 -11.23 -39.05 2.35
N MET B 53 -11.05 -40.25 1.82
CA MET B 53 -12.16 -41.05 1.32
C MET B 53 -12.86 -41.76 2.48
N LYS B 54 -14.17 -41.96 2.33
CA LYS B 54 -14.95 -42.67 3.32
C LYS B 54 -16.09 -43.40 2.63
N ALA B 55 -16.46 -44.56 3.18
CA ALA B 55 -17.61 -45.29 2.67
C ALA B 55 -18.90 -44.64 3.13
N ALA B 56 -19.87 -44.56 2.22
CA ALA B 56 -21.19 -44.05 2.59
C ALA B 56 -21.92 -45.07 3.48
N PRO B 57 -22.81 -44.61 4.35
CA PRO B 57 -23.52 -45.53 5.24
C PRO B 57 -24.56 -46.36 4.48
N ALA B 58 -25.11 -47.34 5.17
CA ALA B 58 -25.89 -48.39 4.51
C ALA B 58 -27.18 -47.87 3.89
N GLY B 59 -27.73 -46.78 4.40
CA GLY B 59 -28.97 -46.27 3.85
C GLY B 59 -28.82 -45.45 2.57
N TYR B 60 -27.58 -45.15 2.17
CA TYR B 60 -27.38 -44.28 1.03
C TYR B 60 -27.36 -45.10 -0.27
N PRO B 61 -28.19 -44.78 -1.26
CA PRO B 61 -28.37 -45.69 -2.39
C PRO B 61 -27.14 -45.75 -3.28
N PRO B 62 -26.87 -46.90 -3.88
CA PRO B 62 -25.82 -46.99 -4.90
C PRO B 62 -26.20 -46.17 -6.13
N ASN B 63 -25.24 -46.01 -7.02
CA ASN B 63 -25.46 -45.30 -8.28
C ASN B 63 -26.10 -46.29 -9.25
N TYR B 64 -27.44 -46.29 -9.31
CA TYR B 64 -28.13 -47.16 -10.26
C TYR B 64 -27.99 -46.62 -11.67
N GLY B 65 -28.05 -45.30 -11.83
CA GLY B 65 -27.74 -44.64 -13.08
C GLY B 65 -26.38 -43.97 -13.05
N GLY B 66 -26.19 -43.03 -13.97
CA GLY B 66 -24.95 -42.31 -14.07
C GLY B 66 -23.88 -43.11 -14.80
N ILE B 67 -22.64 -42.64 -14.64
CA ILE B 67 -21.48 -43.28 -15.26
C ILE B 67 -20.32 -43.26 -14.28
N PRO B 68 -19.34 -44.14 -14.47
CA PRO B 68 -18.31 -44.28 -13.43
C PRO B 68 -17.52 -43.01 -13.12
N LYS B 69 -17.34 -42.10 -14.07
CA LYS B 69 -16.48 -40.95 -13.84
C LYS B 69 -17.21 -39.73 -13.30
N GLU B 70 -18.53 -39.80 -13.10
CA GLU B 70 -19.30 -38.64 -12.66
C GLU B 70 -20.18 -39.03 -11.48
N SER B 71 -20.19 -38.20 -10.45
CA SER B 71 -21.08 -38.36 -9.32
C SER B 71 -22.48 -37.92 -9.70
N PRO B 72 -23.50 -38.41 -9.01
CA PRO B 72 -24.81 -37.77 -9.10
C PRO B 72 -24.71 -36.36 -8.53
N ALA B 73 -25.60 -35.49 -9.01
CA ALA B 73 -25.78 -34.18 -8.38
C ALA B 73 -26.60 -34.36 -7.11
N ILE B 74 -26.18 -33.66 -6.04
CA ILE B 74 -26.85 -33.69 -4.75
C ILE B 74 -27.09 -32.24 -4.34
N VAL B 75 -28.34 -31.90 -4.02
CA VAL B 75 -28.72 -30.50 -3.79
C VAL B 75 -29.64 -30.45 -2.57
N ARG B 76 -29.40 -29.49 -1.69
CA ARG B 76 -30.26 -29.36 -0.51
C ARG B 76 -31.49 -28.51 -0.83
N ASN B 77 -32.64 -29.00 -0.42
CA ASN B 77 -33.88 -28.24 -0.52
C ASN B 77 -33.87 -27.19 0.58
N PRO B 78 -33.94 -25.89 0.25
CA PRO B 78 -33.76 -24.87 1.28
C PRO B 78 -34.94 -24.77 2.25
N LEU B 79 -36.08 -25.34 1.90
CA LEU B 79 -37.26 -25.31 2.76
C LEU B 79 -37.31 -26.51 3.69
N THR B 80 -37.16 -27.71 3.14
CA THR B 80 -37.23 -28.92 3.96
C THR B 80 -35.89 -29.28 4.60
N ARG B 81 -34.81 -28.70 4.10
CA ARG B 81 -33.44 -29.00 4.53
C ARG B 81 -33.02 -30.43 4.23
N GLU B 82 -33.82 -31.17 3.47
CA GLU B 82 -33.44 -32.48 2.98
C GLU B 82 -32.78 -32.33 1.61
N PHE B 83 -32.43 -33.45 0.99
CA PHE B 83 -31.62 -33.44 -0.22
C PHE B 83 -32.34 -34.18 -1.34
N ILE B 84 -32.06 -33.75 -2.58
CA ILE B 84 -32.49 -34.44 -3.78
C ILE B 84 -31.26 -34.88 -4.53
N ARG B 85 -31.32 -36.08 -5.10
CA ARG B 85 -30.21 -36.63 -5.87
C ARG B 85 -30.71 -37.09 -7.23
N VAL B 86 -30.03 -36.63 -8.29
CA VAL B 86 -30.24 -37.13 -9.65
C VAL B 86 -28.88 -37.44 -10.26
N GLN B 87 -28.87 -38.33 -11.24
CA GLN B 87 -27.63 -38.72 -11.91
C GLN B 87 -27.34 -37.79 -13.08
N PRO B 88 -26.13 -37.83 -13.64
CA PRO B 88 -25.88 -37.13 -14.92
C PRO B 88 -26.71 -37.70 -16.06
N ILE B 89 -27.08 -38.97 -15.97
CA ILE B 89 -27.89 -39.63 -16.99
C ILE B 89 -28.44 -40.90 -16.37
N GLY B 90 -29.71 -41.19 -16.67
CA GLY B 90 -30.27 -42.42 -16.17
C GLY B 90 -30.56 -42.39 -14.67
N GLY B 91 -30.94 -43.57 -14.17
CA GLY B 91 -31.20 -43.70 -12.75
C GLY B 91 -32.47 -42.99 -12.29
N PHE B 92 -32.50 -42.73 -10.99
CA PHE B 92 -33.73 -42.40 -10.29
C PHE B 92 -33.61 -41.07 -9.57
N VAL B 93 -34.72 -40.63 -8.99
CA VAL B 93 -34.81 -39.42 -8.19
C VAL B 93 -34.92 -39.86 -6.74
N PHE B 94 -33.91 -39.56 -5.95
CA PHE B 94 -33.90 -39.93 -4.53
C PHE B 94 -34.03 -38.68 -3.67
N LEU B 95 -34.84 -38.80 -2.60
CA LEU B 95 -35.03 -37.74 -1.63
C LEU B 95 -34.68 -38.28 -0.25
N SER B 96 -34.03 -37.44 0.56
CA SER B 96 -33.63 -37.89 1.89
C SER B 96 -34.66 -37.55 2.95
N ARG B 97 -34.63 -38.32 4.03
CA ARG B 97 -35.41 -38.05 5.24
C ARG B 97 -34.45 -38.30 6.38
N GLY B 98 -33.97 -37.23 7.01
CA GLY B 98 -32.93 -37.31 8.01
C GLY B 98 -31.54 -37.03 7.47
N GLY B 99 -31.42 -36.36 6.32
CA GLY B 99 -30.11 -35.97 5.80
C GLY B 99 -29.42 -37.04 4.97
N LEU B 100 -28.18 -36.72 4.59
CA LEU B 100 -27.43 -37.59 3.70
C LEU B 100 -27.18 -38.96 4.31
N ASP B 101 -27.05 -39.01 5.63
CA ASP B 101 -26.82 -40.23 6.38
C ASP B 101 -28.08 -40.71 7.06
N GLY B 102 -29.24 -40.32 6.55
CA GLY B 102 -30.51 -40.82 7.02
C GLY B 102 -31.16 -41.77 6.04
N LYS B 103 -32.48 -41.74 5.98
CA LYS B 103 -33.28 -42.60 5.12
C LYS B 103 -33.37 -41.95 3.76
N TRP B 104 -33.34 -42.76 2.71
CA TRP B 104 -33.56 -42.26 1.36
C TRP B 104 -34.72 -42.99 0.73
N LEU B 105 -35.52 -42.25 -0.03
CA LEU B 105 -36.71 -42.77 -0.69
C LEU B 105 -36.62 -42.40 -2.16
N ALA B 106 -37.13 -43.28 -3.02
CA ALA B 106 -37.07 -43.05 -4.45
C ALA B 106 -38.47 -42.68 -4.94
N VAL B 107 -38.53 -41.75 -5.88
CA VAL B 107 -39.81 -41.24 -6.37
C VAL B 107 -40.39 -42.22 -7.36
N THR B 108 -41.67 -42.55 -7.22
CA THR B 108 -42.30 -43.48 -8.15
C THR B 108 -42.95 -42.72 -9.30
N ASN B 109 -43.31 -43.48 -10.35
CA ASN B 109 -43.98 -42.89 -11.51
C ASN B 109 -45.31 -42.24 -11.13
N ASP B 110 -45.96 -42.72 -10.06
CA ASP B 110 -47.26 -42.19 -9.65
C ASP B 110 -47.16 -41.19 -8.50
N GLY B 111 -45.96 -40.62 -8.28
CA GLY B 111 -45.81 -39.52 -7.35
C GLY B 111 -45.75 -39.92 -5.89
N LYS B 112 -45.44 -41.17 -5.61
CA LYS B 112 -45.28 -41.65 -4.24
C LYS B 112 -43.79 -41.84 -3.96
N LEU B 113 -43.50 -42.30 -2.75
CA LEU B 113 -42.13 -42.53 -2.31
C LEU B 113 -41.96 -44.02 -1.99
N GLU B 114 -40.96 -44.62 -2.61
CA GLU B 114 -40.62 -46.02 -2.40
C GLU B 114 -39.47 -46.11 -1.40
N GLU B 115 -39.73 -46.77 -0.27
CA GLU B 115 -38.69 -46.97 0.73
C GLU B 115 -37.81 -48.17 0.39
N ASP B 116 -38.37 -49.17 -0.28
CA ASP B 116 -37.70 -50.45 -0.50
C ASP B 116 -37.06 -50.52 -1.88
N TRP B 117 -36.27 -49.50 -2.23
CA TRP B 117 -35.64 -49.45 -3.55
C TRP B 117 -34.51 -50.46 -3.72
N LYS B 118 -34.09 -51.14 -2.64
CA LYS B 118 -33.13 -52.21 -2.80
C LYS B 118 -33.73 -53.41 -3.53
N ASP B 119 -35.06 -53.48 -3.61
CA ASP B 119 -35.71 -54.59 -4.30
C ASP B 119 -35.75 -54.31 -5.79
N PRO B 120 -35.08 -55.11 -6.62
CA PRO B 120 -35.10 -54.85 -8.07
C PRO B 120 -36.51 -54.74 -8.63
N GLU B 121 -37.44 -55.55 -8.12
CA GLU B 121 -38.81 -55.52 -8.62
C GLU B 121 -39.42 -54.14 -8.48
N LYS B 122 -39.26 -53.53 -7.31
CA LYS B 122 -39.87 -52.23 -7.05
C LYS B 122 -39.19 -51.10 -7.82
N ARG B 123 -37.96 -51.30 -8.29
CA ARG B 123 -37.32 -50.22 -9.03
C ARG B 123 -37.93 -50.04 -10.42
N LYS B 124 -38.66 -51.04 -10.93
CA LYS B 124 -39.19 -50.90 -12.28
C LYS B 124 -40.21 -49.75 -12.39
N ASN B 125 -40.91 -49.43 -11.31
CA ASN B 125 -41.91 -48.37 -11.35
C ASN B 125 -41.41 -47.03 -10.81
N LEU B 126 -40.10 -46.82 -10.76
CA LEU B 126 -39.58 -45.54 -10.30
C LEU B 126 -39.53 -44.53 -11.44
N LYS B 127 -39.70 -43.26 -11.06
CA LYS B 127 -39.58 -42.18 -12.02
C LYS B 127 -38.16 -42.13 -12.58
N LYS B 128 -38.05 -41.96 -13.90
CA LYS B 128 -36.76 -41.90 -14.57
C LYS B 128 -36.77 -40.64 -15.43
N LEU B 129 -36.09 -39.60 -14.96
CA LEU B 129 -36.01 -38.36 -15.71
C LEU B 129 -35.07 -38.54 -16.88
N GLY B 130 -35.47 -38.02 -18.05
CA GLY B 130 -34.70 -38.27 -19.27
C GLY B 130 -33.58 -37.26 -19.52
N GLY B 131 -32.75 -37.59 -20.50
CA GLY B 131 -31.73 -36.69 -20.98
C GLY B 131 -30.47 -36.68 -20.14
N ILE B 132 -29.50 -35.90 -20.60
CA ILE B 132 -28.31 -35.61 -19.81
C ILE B 132 -28.62 -34.47 -18.86
N MET B 133 -28.54 -34.73 -17.55
CA MET B 133 -29.05 -33.80 -16.55
C MET B 133 -27.89 -33.07 -15.90
N ARG B 134 -28.10 -31.80 -15.58
CA ARG B 134 -27.17 -31.08 -14.71
C ARG B 134 -27.78 -30.90 -13.31
N THR B 135 -27.69 -29.68 -12.71
CA THR B 135 -27.90 -29.60 -11.26
C THR B 135 -29.31 -29.17 -10.92
N PRO B 136 -30.04 -29.91 -10.08
CA PRO B 136 -31.31 -29.39 -9.56
C PRO B 136 -31.07 -28.04 -8.92
N VAL B 137 -31.96 -27.08 -9.18
CA VAL B 137 -31.88 -25.78 -8.53
C VAL B 137 -33.25 -25.41 -7.98
N PHE B 138 -33.29 -24.99 -6.72
CA PHE B 138 -34.52 -24.59 -6.05
C PHE B 138 -34.72 -23.10 -6.30
N VAL B 139 -35.93 -22.73 -6.72
CA VAL B 139 -36.25 -21.35 -7.07
C VAL B 139 -37.62 -20.99 -6.49
N ASN B 140 -37.90 -19.69 -6.52
CA ASN B 140 -39.17 -19.12 -6.02
C ASN B 140 -39.36 -19.44 -4.55
N LYS B 141 -38.46 -18.89 -3.74
CA LYS B 141 -38.48 -19.12 -2.29
C LYS B 141 -38.50 -20.60 -1.98
N GLY B 142 -37.73 -21.37 -2.77
CA GLY B 142 -37.59 -22.79 -2.53
C GLY B 142 -38.76 -23.64 -2.96
N ARG B 143 -39.80 -23.07 -3.58
CA ARG B 143 -41.03 -23.81 -3.80
C ARG B 143 -41.05 -24.63 -5.08
N ARG B 144 -40.11 -24.41 -6.00
CA ARG B 144 -40.02 -25.16 -7.23
C ARG B 144 -38.59 -25.65 -7.37
N VAL B 145 -38.43 -26.86 -7.90
CA VAL B 145 -37.11 -27.35 -8.25
C VAL B 145 -37.09 -27.63 -9.74
N ILE B 146 -35.99 -27.26 -10.36
N ILE B 146 -36.05 -27.18 -10.42
CA ILE B 146 -35.76 -27.35 -11.80
CA ILE B 146 -35.90 -27.47 -11.83
C ILE B 146 -34.51 -28.19 -12.02
C ILE B 146 -34.54 -28.10 -12.09
N VAL B 147 -34.51 -29.02 -13.06
CA VAL B 147 -33.31 -29.77 -13.44
C VAL B 147 -33.10 -29.56 -14.94
N PRO B 148 -32.03 -28.87 -15.35
CA PRO B 148 -31.76 -28.76 -16.79
C PRO B 148 -31.42 -30.12 -17.37
N PHE B 149 -31.92 -30.38 -18.56
CA PHE B 149 -31.49 -31.56 -19.28
C PHE B 149 -31.37 -31.27 -20.76
N HIS B 150 -30.50 -32.02 -21.43
CA HIS B 150 -30.33 -31.76 -22.85
C HIS B 150 -30.21 -33.04 -23.63
N ASN B 151 -30.42 -32.84 -24.94
CA ASN B 151 -30.03 -33.71 -26.04
C ASN B 151 -28.98 -32.97 -26.87
N MET B 152 -27.92 -33.70 -27.25
CA MET B 152 -26.77 -33.09 -27.89
C MET B 152 -27.17 -32.16 -29.04
N GLY B 153 -28.04 -32.64 -29.93
CA GLY B 153 -28.44 -31.86 -31.10
C GLY B 153 -29.81 -31.21 -30.97
N GLY B 154 -30.56 -31.56 -29.92
CA GLY B 154 -31.92 -31.08 -29.72
C GLY B 154 -32.11 -29.87 -28.81
N GLY B 155 -31.20 -29.63 -27.88
CA GLY B 155 -31.26 -28.44 -27.03
C GLY B 155 -31.59 -28.79 -25.58
N THR B 156 -31.57 -27.75 -24.75
CA THR B 156 -31.88 -27.87 -23.32
C THR B 156 -33.35 -27.58 -23.03
N LYS B 157 -33.93 -28.41 -22.17
CA LYS B 157 -35.24 -28.13 -21.57
C LYS B 157 -35.08 -28.37 -20.08
N PHE B 158 -36.17 -28.29 -19.32
CA PHE B 158 -36.09 -28.35 -17.86
C PHE B 158 -37.14 -29.30 -17.32
N HIS B 159 -36.71 -30.22 -16.46
CA HIS B 159 -37.63 -30.99 -15.63
C HIS B 159 -38.04 -30.10 -14.45
N ILE B 160 -39.34 -29.98 -14.21
CA ILE B 160 -39.89 -29.07 -13.21
C ILE B 160 -40.75 -29.83 -12.22
N SER B 161 -40.52 -29.60 -10.93
CA SER B 161 -41.42 -30.14 -9.91
C SER B 161 -41.86 -29.03 -8.97
N ASP B 162 -43.16 -28.97 -8.70
CA ASP B 162 -43.73 -28.02 -7.75
C ASP B 162 -44.09 -28.63 -6.41
N ASP B 163 -43.60 -29.85 -6.11
CA ASP B 163 -43.86 -30.52 -4.84
C ASP B 163 -42.60 -31.21 -4.31
N GLY B 164 -41.44 -30.58 -4.47
CA GLY B 164 -40.24 -31.08 -3.86
C GLY B 164 -39.58 -32.25 -4.56
N GLY B 165 -40.07 -32.63 -5.74
CA GLY B 165 -39.54 -33.75 -6.48
C GLY B 165 -40.48 -34.93 -6.59
N LEU B 166 -41.70 -34.81 -6.08
CA LEU B 166 -42.63 -35.93 -6.11
C LEU B 166 -43.25 -36.14 -7.49
N THR B 167 -43.67 -35.06 -8.15
CA THR B 167 -44.25 -35.14 -9.48
C THR B 167 -43.57 -34.14 -10.40
N TRP B 168 -43.51 -34.47 -11.68
CA TRP B 168 -42.65 -33.75 -12.61
C TRP B 168 -43.37 -33.45 -13.92
N HIS B 169 -43.01 -32.30 -14.51
CA HIS B 169 -43.39 -31.97 -15.88
C HIS B 169 -42.18 -31.35 -16.57
N VAL B 170 -42.31 -31.11 -17.87
CA VAL B 170 -41.23 -30.54 -18.67
C VAL B 170 -41.61 -29.13 -19.10
N SER B 171 -40.63 -28.25 -19.15
CA SER B 171 -40.85 -26.89 -19.62
C SER B 171 -41.38 -26.92 -21.06
N ARG B 172 -42.04 -25.82 -21.44
CA ARG B 172 -42.53 -25.67 -22.81
C ARG B 172 -41.38 -25.57 -23.81
N ASN B 173 -40.34 -24.83 -23.47
CA ASN B 173 -39.17 -24.73 -24.32
C ASN B 173 -37.98 -24.58 -23.39
N GLY B 174 -36.83 -24.22 -23.96
CA GLY B 174 -35.63 -24.12 -23.16
C GLY B 174 -34.60 -23.21 -23.80
N VAL B 175 -33.42 -23.75 -24.06
CA VAL B 175 -32.33 -23.01 -24.68
C VAL B 175 -31.86 -23.78 -25.91
N THR B 176 -31.63 -23.06 -27.00
CA THR B 176 -31.02 -23.63 -28.19
C THR B 176 -29.91 -22.68 -28.65
N SER B 177 -29.04 -23.17 -29.54
CA SER B 177 -28.01 -22.33 -30.13
C SER B 177 -27.65 -22.85 -31.52
N PRO B 178 -27.16 -21.99 -32.41
CA PRO B 178 -26.98 -22.38 -33.82
C PRO B 178 -25.76 -23.26 -34.02
N ARG B 179 -25.79 -24.00 -35.14
CA ARG B 179 -24.62 -24.74 -35.57
C ARG B 179 -23.49 -23.80 -35.92
N HIS B 180 -22.26 -24.30 -35.78
CA HIS B 180 -21.09 -23.56 -36.23
C HIS B 180 -21.00 -23.60 -37.76
N GLU B 181 -20.52 -22.51 -38.33
CA GLU B 181 -20.35 -22.35 -39.76
C GLU B 181 -18.87 -22.40 -40.12
N ALA B 182 -18.53 -23.15 -41.17
CA ALA B 182 -17.12 -23.29 -41.54
C ALA B 182 -16.73 -22.12 -42.42
N ARG B 183 -16.28 -21.03 -41.80
CA ARG B 183 -15.73 -19.90 -42.51
C ARG B 183 -14.29 -19.67 -42.06
N PRO B 184 -13.45 -19.07 -42.90
CA PRO B 184 -12.05 -18.88 -42.50
C PRO B 184 -11.99 -18.16 -41.16
N PRO B 185 -11.03 -18.52 -40.29
CA PRO B 185 -9.90 -19.41 -40.53
C PRO B 185 -10.20 -20.92 -40.44
N HIS B 186 -11.44 -21.30 -40.15
CA HIS B 186 -11.78 -22.71 -40.06
C HIS B 186 -11.73 -23.36 -41.44
N GLN B 187 -11.33 -24.63 -41.45
CA GLN B 187 -11.37 -25.48 -42.63
C GLN B 187 -12.38 -26.60 -42.49
N GLY B 188 -13.26 -26.49 -41.50
CA GLY B 188 -14.22 -27.53 -41.18
C GLY B 188 -15.15 -26.99 -40.12
N VAL B 189 -16.08 -27.83 -39.72
N VAL B 189 -16.13 -27.81 -39.72
CA VAL B 189 -17.12 -27.46 -38.77
CA VAL B 189 -17.15 -27.38 -38.77
C VAL B 189 -16.70 -27.88 -37.36
C VAL B 189 -16.84 -27.92 -37.38
N ARG B 190 -17.13 -27.10 -36.37
CA ARG B 190 -17.01 -27.54 -35.00
C ARG B 190 -18.05 -28.60 -34.68
N TRP B 191 -17.75 -29.45 -33.71
CA TRP B 191 -18.74 -30.33 -33.12
C TRP B 191 -19.99 -29.54 -32.74
N PHE B 192 -21.15 -30.00 -33.18
CA PHE B 192 -22.41 -29.31 -32.85
C PHE B 192 -22.91 -29.75 -31.48
N ASN B 193 -23.06 -28.77 -30.59
CA ASN B 193 -23.84 -28.95 -29.37
C ASN B 193 -24.88 -27.85 -29.36
N ASN B 194 -26.15 -28.21 -29.14
CA ASN B 194 -27.26 -27.28 -29.19
C ASN B 194 -27.55 -26.85 -27.75
N ALA B 195 -26.94 -25.74 -27.33
CA ALA B 195 -27.11 -25.14 -26.00
C ALA B 195 -27.26 -26.20 -24.92
N VAL B 196 -26.20 -26.95 -24.66
CA VAL B 196 -26.24 -28.07 -23.75
C VAL B 196 -25.73 -27.65 -22.38
N GLU B 197 -25.87 -28.54 -21.40
CA GLU B 197 -25.21 -28.37 -20.09
C GLU B 197 -25.50 -27.00 -19.49
N ALA B 198 -26.79 -26.64 -19.39
CA ALA B 198 -27.13 -25.32 -18.87
C ALA B 198 -26.90 -25.26 -17.36
N THR B 199 -26.48 -24.08 -16.91
CA THR B 199 -26.52 -23.71 -15.50
C THR B 199 -27.56 -22.58 -15.34
N VAL B 200 -28.25 -22.57 -14.21
CA VAL B 200 -29.40 -21.69 -14.02
C VAL B 200 -29.19 -20.92 -12.73
N LEU B 201 -29.49 -19.62 -12.78
CA LEU B 201 -29.44 -18.78 -11.59
C LEU B 201 -30.70 -17.94 -11.50
N GLU B 202 -31.26 -17.85 -10.29
CA GLU B 202 -32.39 -16.96 -10.06
C GLU B 202 -31.84 -15.58 -9.75
N MET B 203 -32.32 -14.59 -10.49
CA MET B 203 -31.98 -13.19 -10.32
C MET B 203 -32.83 -12.56 -9.22
N LYS B 204 -32.36 -11.39 -8.75
CA LYS B 204 -33.06 -10.65 -7.69
C LYS B 204 -34.52 -10.38 -8.04
N ASP B 205 -34.84 -10.14 -9.30
CA ASP B 205 -36.20 -9.81 -9.69
C ASP B 205 -37.06 -11.04 -10.00
N GLY B 206 -36.53 -12.24 -9.75
CA GLY B 206 -37.24 -13.47 -9.97
C GLY B 206 -37.01 -14.09 -11.33
N THR B 207 -36.45 -13.34 -12.28
CA THR B 207 -36.07 -13.91 -13.56
C THR B 207 -35.07 -15.04 -13.35
N LEU B 208 -35.15 -16.07 -14.19
CA LEU B 208 -34.14 -17.12 -14.23
C LEU B 208 -33.27 -16.87 -15.43
N TRP B 209 -31.96 -16.95 -15.22
CA TRP B 209 -30.94 -16.84 -16.25
C TRP B 209 -30.35 -18.23 -16.47
N ALA B 210 -30.46 -18.73 -17.70
CA ALA B 210 -29.84 -20.00 -18.10
C ALA B 210 -28.67 -19.70 -19.02
N LEU B 211 -27.52 -20.29 -18.72
CA LEU B 211 -26.29 -20.09 -19.46
C LEU B 211 -25.82 -21.46 -19.93
N ALA B 212 -25.57 -21.61 -21.24
CA ALA B 212 -25.44 -22.93 -21.86
C ALA B 212 -24.25 -22.98 -22.80
N ARG B 213 -23.70 -24.19 -22.95
CA ARG B 213 -22.56 -24.50 -23.78
C ARG B 213 -22.98 -24.67 -25.24
N THR B 214 -22.17 -24.10 -26.13
CA THR B 214 -22.49 -24.06 -27.56
C THR B 214 -21.25 -24.37 -28.41
N SER B 215 -21.48 -24.41 -29.72
CA SER B 215 -20.44 -24.51 -30.72
C SER B 215 -19.96 -23.15 -31.20
N GLN B 216 -20.50 -22.07 -30.63
CA GLN B 216 -20.10 -20.72 -31.00
C GLN B 216 -18.88 -20.31 -30.18
N ASP B 217 -18.42 -19.07 -30.39
CA ASP B 217 -17.24 -18.59 -29.68
C ASP B 217 -17.53 -18.27 -28.22
N GLN B 218 -18.80 -18.24 -27.80
CA GLN B 218 -19.18 -17.95 -26.44
C GLN B 218 -20.36 -18.86 -26.08
N ALA B 219 -20.57 -19.02 -24.78
CA ALA B 219 -21.81 -19.58 -24.26
C ALA B 219 -23.00 -18.72 -24.66
N TRP B 220 -24.15 -19.35 -24.79
CA TRP B 220 -25.38 -18.62 -25.08
C TRP B 220 -26.29 -18.65 -23.87
N GLN B 221 -27.33 -17.80 -23.89
CA GLN B 221 -28.16 -17.64 -22.71
C GLN B 221 -29.61 -17.38 -23.10
N ALA B 222 -30.49 -17.63 -22.15
CA ALA B 222 -31.90 -17.28 -22.29
C ALA B 222 -32.44 -17.00 -20.90
N PHE B 223 -33.64 -16.43 -20.86
CA PHE B 223 -34.23 -15.94 -19.63
C PHE B 223 -35.66 -16.40 -19.49
N SER B 224 -36.08 -16.62 -18.26
CA SER B 224 -37.46 -17.03 -17.98
C SER B 224 -38.09 -16.11 -16.95
N LYS B 225 -39.34 -15.72 -17.20
CA LYS B 225 -40.11 -14.87 -16.30
C LYS B 225 -41.16 -15.63 -15.52
N ASP B 226 -41.22 -16.95 -15.69
CA ASP B 226 -42.24 -17.80 -15.06
C ASP B 226 -41.58 -18.99 -14.38
N TYR B 227 -40.38 -18.78 -13.87
CA TYR B 227 -39.69 -19.82 -13.09
C TYR B 227 -39.50 -21.09 -13.89
N GLY B 228 -39.25 -20.94 -15.19
CA GLY B 228 -38.71 -22.05 -15.97
C GLY B 228 -39.68 -22.67 -16.94
N GLU B 229 -40.96 -22.26 -16.93
CA GLU B 229 -41.91 -22.87 -17.86
C GLU B 229 -41.63 -22.45 -19.29
N THR B 230 -41.30 -21.19 -19.51
CA THR B 230 -41.05 -20.68 -20.85
C THR B 230 -39.81 -19.80 -20.83
N TRP B 231 -39.12 -19.77 -21.96
CA TRP B 231 -37.85 -19.08 -22.04
C TRP B 231 -37.83 -18.17 -23.25
N SER B 232 -37.10 -17.07 -23.12
CA SER B 232 -36.90 -16.12 -24.21
C SER B 232 -36.12 -16.76 -25.35
N LYS B 233 -36.09 -16.03 -26.47
CA LYS B 233 -35.19 -16.41 -27.54
C LYS B 233 -33.78 -16.41 -26.98
N PRO B 234 -32.92 -17.27 -27.48
CA PRO B 234 -31.55 -17.35 -26.96
C PRO B 234 -30.66 -16.31 -27.63
N GLU B 235 -29.56 -16.00 -26.96
CA GLU B 235 -28.63 -14.97 -27.43
C GLU B 235 -27.23 -15.27 -26.92
N PRO B 236 -26.22 -14.73 -27.59
CA PRO B 236 -24.85 -14.89 -27.08
C PRO B 236 -24.71 -14.26 -25.70
N SER B 237 -23.97 -14.93 -24.83
CA SER B 237 -23.61 -14.39 -23.53
C SER B 237 -22.28 -13.67 -23.63
N ARG B 238 -21.90 -13.02 -22.52
CA ARG B 238 -20.60 -12.36 -22.43
C ARG B 238 -19.45 -13.32 -22.14
N PHE B 239 -19.73 -14.58 -21.84
CA PHE B 239 -18.70 -15.53 -21.41
C PHE B 239 -18.19 -16.32 -22.60
N PHE B 240 -17.00 -15.95 -23.07
CA PHE B 240 -16.41 -16.66 -24.18
C PHE B 240 -16.11 -18.11 -23.80
N GLY B 241 -16.03 -18.96 -24.81
CA GLY B 241 -15.77 -20.38 -24.58
C GLY B 241 -16.65 -21.19 -25.50
N THR B 242 -16.17 -22.40 -25.80
CA THR B 242 -16.74 -23.25 -26.83
C THR B 242 -16.72 -24.68 -26.36
N LEU B 243 -17.89 -25.32 -26.30
CA LEU B 243 -17.93 -26.75 -26.07
C LEU B 243 -17.31 -27.10 -24.72
N THR B 244 -17.48 -26.19 -23.76
CA THR B 244 -17.05 -26.39 -22.38
C THR B 244 -18.16 -25.90 -21.45
N MET B 245 -18.07 -26.30 -20.18
CA MET B 245 -19.15 -26.12 -19.22
C MET B 245 -19.10 -24.79 -18.46
N ASN B 246 -20.29 -24.21 -18.24
CA ASN B 246 -20.47 -23.03 -17.38
C ASN B 246 -21.12 -23.42 -16.06
N THR B 247 -20.74 -22.73 -14.98
CA THR B 247 -21.45 -22.88 -13.72
C THR B 247 -21.64 -21.52 -13.09
N LEU B 248 -22.88 -21.24 -12.66
CA LEU B 248 -23.26 -20.00 -11.96
C LEU B 248 -23.63 -20.34 -10.52
N GLY B 249 -23.28 -19.43 -9.61
CA GLY B 249 -23.65 -19.57 -8.22
C GLY B 249 -23.71 -18.20 -7.59
N ARG B 250 -24.17 -18.18 -6.35
CA ARG B 250 -24.31 -16.91 -5.64
C ARG B 250 -23.77 -17.08 -4.24
N LEU B 251 -22.97 -16.11 -3.79
CA LEU B 251 -22.44 -16.13 -2.43
C LEU B 251 -23.48 -15.64 -1.45
N ASP B 252 -23.16 -15.83 -0.16
CA ASP B 252 -24.06 -15.47 0.93
C ASP B 252 -24.46 -14.01 0.84
N ASP B 253 -23.57 -13.14 0.38
CA ASP B 253 -23.84 -11.70 0.36
C ASP B 253 -24.54 -11.24 -0.91
N GLY B 254 -24.87 -12.16 -1.82
CA GLY B 254 -25.55 -11.83 -3.06
C GLY B 254 -24.64 -11.75 -4.27
N THR B 255 -23.33 -11.81 -4.09
CA THR B 255 -22.42 -11.76 -5.22
C THR B 255 -22.61 -12.97 -6.12
N ILE B 256 -22.74 -12.74 -7.43
CA ILE B 256 -22.80 -13.83 -8.40
C ILE B 256 -21.41 -14.26 -8.80
N VAL B 257 -21.23 -15.57 -8.92
CA VAL B 257 -19.98 -16.16 -9.38
C VAL B 257 -20.24 -16.90 -10.68
N SER B 258 -19.39 -16.64 -11.68
CA SER B 258 -19.39 -17.36 -12.94
C SER B 258 -18.07 -18.11 -13.07
N LEU B 259 -18.15 -19.44 -13.25
CA LEU B 259 -17.00 -20.30 -13.50
C LEU B 259 -17.14 -20.90 -14.88
N TRP B 260 -16.05 -20.90 -15.65
CA TRP B 260 -16.11 -21.44 -17.00
C TRP B 260 -14.68 -21.59 -17.51
N THR B 261 -14.54 -22.12 -18.73
CA THR B 261 -13.23 -22.21 -19.37
C THR B 261 -13.14 -21.12 -20.43
N ASN B 262 -12.40 -20.06 -20.13
CA ASN B 262 -12.38 -18.85 -20.96
C ASN B 262 -11.28 -18.98 -22.02
N THR B 263 -11.58 -19.78 -23.04
CA THR B 263 -10.59 -20.11 -24.05
C THR B 263 -11.22 -20.00 -25.43
N MET B 264 -10.34 -19.84 -26.42
CA MET B 264 -10.66 -20.02 -27.84
C MET B 264 -9.94 -21.22 -28.41
N ALA B 265 -10.70 -22.17 -28.96
CA ALA B 265 -10.09 -23.33 -29.60
C ALA B 265 -9.34 -22.91 -30.86
N LEU B 266 -8.38 -23.75 -31.25
CA LEU B 266 -7.75 -23.55 -32.54
C LEU B 266 -8.80 -23.66 -33.63
N PRO B 267 -8.59 -22.96 -34.75
CA PRO B 267 -9.47 -23.14 -35.91
C PRO B 267 -9.58 -24.60 -36.32
N GLU B 268 -10.74 -24.97 -36.85
CA GLU B 268 -10.95 -26.33 -37.33
C GLU B 268 -10.05 -26.62 -38.51
N ASN B 269 -9.60 -27.86 -38.57
CA ASN B 269 -8.69 -28.30 -39.62
C ASN B 269 -9.48 -28.97 -40.76
N ALA B 270 -8.73 -29.47 -41.76
CA ALA B 270 -9.33 -29.97 -42.99
C ALA B 270 -9.95 -31.36 -42.85
N THR B 271 -9.77 -32.01 -41.71
CA THR B 271 -10.33 -33.32 -41.45
C THR B 271 -11.20 -33.31 -40.19
N ALA B 272 -11.93 -32.21 -39.94
CA ALA B 272 -12.65 -32.03 -38.68
C ALA B 272 -13.89 -32.91 -38.54
N GLY B 273 -14.37 -33.52 -39.63
CA GLY B 273 -15.56 -34.34 -39.57
C GLY B 273 -16.82 -33.52 -39.81
N ASN B 274 -17.97 -34.19 -39.69
CA ASN B 274 -19.22 -33.55 -40.05
C ASN B 274 -19.91 -32.85 -38.88
N GLY B 275 -19.25 -32.77 -37.73
CA GLY B 275 -19.80 -32.08 -36.59
C GLY B 275 -20.69 -32.89 -35.68
N THR B 276 -20.97 -34.16 -36.01
CA THR B 276 -21.73 -35.01 -35.09
C THR B 276 -21.01 -35.19 -33.77
N TRP B 277 -19.71 -35.49 -33.81
CA TRP B 277 -18.86 -35.63 -32.64
C TRP B 277 -17.60 -34.79 -32.84
N GLU B 278 -16.80 -34.70 -31.81
CA GLU B 278 -15.58 -33.91 -31.84
C GLU B 278 -14.48 -34.64 -32.59
N ASP B 279 -13.57 -33.87 -33.20
CA ASP B 279 -12.34 -34.47 -33.70
C ASP B 279 -11.21 -34.35 -32.69
N VAL B 280 -11.00 -33.16 -32.14
CA VAL B 280 -9.89 -32.95 -31.20
C VAL B 280 -10.21 -31.76 -30.30
N PHE B 281 -9.87 -31.88 -29.01
CA PHE B 281 -10.03 -30.78 -28.07
C PHE B 281 -8.76 -29.94 -27.96
N THR B 282 -8.87 -28.65 -28.23
CA THR B 282 -7.70 -27.76 -28.16
C THR B 282 -7.94 -26.57 -27.23
N ASN B 283 -8.89 -26.70 -26.28
CA ASN B 283 -9.24 -25.52 -25.49
C ASN B 283 -9.64 -25.83 -24.05
N ARG B 284 -9.18 -26.95 -23.48
CA ARG B 284 -9.65 -27.39 -22.18
C ARG B 284 -8.59 -27.39 -21.09
N ASP B 285 -7.62 -26.50 -21.14
CA ASP B 285 -6.47 -26.53 -20.23
C ASP B 285 -6.43 -25.37 -19.23
N SER B 286 -7.59 -24.81 -18.90
CA SER B 286 -7.68 -23.73 -17.92
C SER B 286 -9.13 -23.64 -17.43
N HIS B 287 -9.31 -22.91 -16.33
CA HIS B 287 -10.62 -22.59 -15.77
C HIS B 287 -10.49 -21.20 -15.20
N HIS B 288 -11.61 -20.50 -15.20
CA HIS B 288 -11.69 -19.06 -14.91
C HIS B 288 -12.85 -18.72 -13.99
N ILE B 289 -12.70 -17.56 -13.37
CA ILE B 289 -13.73 -17.05 -12.47
C ILE B 289 -13.98 -15.57 -12.72
N ALA B 290 -15.25 -15.18 -12.63
CA ALA B 290 -15.63 -13.77 -12.62
C ALA B 290 -16.78 -13.61 -11.65
N MET B 291 -16.95 -12.38 -11.16
CA MET B 291 -17.96 -12.09 -10.16
C MET B 291 -18.72 -10.81 -10.49
N SER B 292 -19.95 -10.73 -9.99
CA SER B 292 -20.77 -9.52 -10.13
C SER B 292 -21.57 -9.26 -8.87
N GLY B 293 -21.50 -8.03 -8.36
CA GLY B 293 -22.28 -7.64 -7.22
C GLY B 293 -23.56 -6.91 -7.55
N ASP B 294 -23.87 -6.71 -8.83
CA ASP B 294 -25.02 -5.91 -9.24
C ASP B 294 -25.90 -6.68 -10.22
N GLU B 295 -26.14 -7.95 -9.93
CA GLU B 295 -27.06 -8.79 -10.68
C GLU B 295 -26.62 -8.94 -12.13
N GLY B 296 -25.32 -8.95 -12.36
CA GLY B 296 -24.81 -9.22 -13.68
C GLY B 296 -24.67 -8.03 -14.59
N LYS B 297 -24.92 -6.82 -14.10
CA LYS B 297 -24.73 -5.64 -14.94
C LYS B 297 -23.25 -5.37 -15.19
N THR B 298 -22.42 -5.60 -14.17
CA THR B 298 -20.98 -5.39 -14.27
C THR B 298 -20.27 -6.59 -13.67
N TRP B 299 -19.13 -6.94 -14.26
CA TRP B 299 -18.38 -8.13 -13.87
C TRP B 299 -16.92 -7.76 -13.68
N TYR B 300 -16.25 -8.48 -12.78
CA TYR B 300 -14.83 -8.29 -12.53
C TYR B 300 -14.16 -9.64 -12.37
N GLY B 301 -12.84 -9.63 -12.54
CA GLY B 301 -12.07 -10.86 -12.41
C GLY B 301 -11.67 -11.39 -13.77
N PHE B 302 -12.37 -12.41 -14.25
CA PHE B 302 -11.93 -13.10 -15.47
C PHE B 302 -10.53 -13.67 -15.28
N ARG B 303 -10.25 -14.15 -14.09
CA ARG B 303 -8.93 -14.63 -13.74
C ARG B 303 -8.85 -16.13 -13.91
N GLU B 304 -7.67 -16.57 -14.35
CA GLU B 304 -7.33 -17.98 -14.41
C GLU B 304 -7.25 -18.56 -13.02
N ILE B 305 -8.07 -19.55 -12.73
CA ILE B 305 -7.92 -20.25 -11.47
C ILE B 305 -6.67 -21.13 -11.50
N ILE B 306 -6.46 -21.80 -12.62
CA ILE B 306 -5.42 -22.83 -12.74
C ILE B 306 -5.22 -23.15 -14.21
N LEU B 307 -4.00 -23.55 -14.55
CA LEU B 307 -3.64 -24.11 -15.83
C LEU B 307 -3.40 -25.60 -15.67
N ASP B 308 -3.75 -26.37 -16.70
CA ASP B 308 -3.50 -27.81 -16.60
C ASP B 308 -2.01 -28.12 -16.53
N GLU B 309 -1.61 -28.86 -15.51
CA GLU B 309 -0.20 -29.09 -15.24
C GLU B 309 0.45 -29.94 -16.31
N HIS B 310 -0.35 -30.71 -17.06
CA HIS B 310 0.19 -31.62 -18.08
C HIS B 310 0.23 -31.04 -19.48
N ARG B 311 -0.16 -29.77 -19.63
CA ARG B 311 -0.54 -29.19 -20.92
C ARG B 311 0.58 -29.21 -21.97
N ASN B 312 1.85 -29.16 -21.56
CA ASN B 312 2.94 -29.08 -22.51
C ASN B 312 3.46 -30.44 -22.98
N HIS B 313 2.94 -31.51 -22.50
CA HIS B 313 3.73 -32.75 -22.59
C HIS B 313 3.37 -33.62 -23.79
N PRO B 314 4.39 -34.29 -24.35
CA PRO B 314 4.15 -35.11 -25.56
C PRO B 314 3.48 -36.45 -25.34
N GLY B 315 3.08 -36.75 -24.10
CA GLY B 315 2.24 -37.89 -23.78
C GLY B 315 0.89 -37.50 -23.17
N TYR B 316 0.56 -36.21 -23.24
CA TYR B 316 -0.68 -35.69 -22.64
C TYR B 316 -1.89 -36.55 -22.97
N ALA B 317 -2.04 -36.98 -24.21
CA ALA B 317 -3.28 -37.60 -24.66
C ALA B 317 -3.52 -38.99 -24.09
N THR B 318 -2.47 -39.68 -23.66
CA THR B 318 -2.60 -41.08 -23.33
C THR B 318 -2.20 -41.44 -21.90
N LEU B 319 -1.67 -40.51 -21.13
CA LEU B 319 -1.13 -40.86 -19.82
C LEU B 319 -2.25 -41.37 -18.91
N ASP B 320 -2.08 -42.58 -18.40
CA ASP B 320 -2.99 -43.18 -17.43
C ASP B 320 -4.39 -43.28 -17.97
N GLY B 321 -4.51 -43.62 -19.25
CA GLY B 321 -5.80 -43.84 -19.87
C GLY B 321 -6.34 -42.62 -20.58
N PRO B 322 -7.07 -42.85 -21.67
CA PRO B 322 -7.41 -41.80 -22.64
C PRO B 322 -8.68 -41.01 -22.37
N GLU B 323 -9.36 -41.24 -21.25
CA GLU B 323 -10.65 -40.60 -20.99
C GLU B 323 -10.50 -39.08 -20.96
N ASP B 324 -11.64 -38.41 -21.16
N ASP B 324 -11.64 -38.40 -21.17
CA ASP B 324 -11.68 -36.94 -21.19
CA ASP B 324 -11.64 -36.94 -21.24
C ASP B 324 -10.84 -36.35 -20.08
C ASP B 324 -10.85 -36.34 -20.10
N ARG B 325 -10.03 -35.35 -20.43
CA ARG B 325 -9.12 -34.77 -19.45
C ARG B 325 -9.08 -33.27 -19.61
N GLY B 326 -8.64 -32.63 -18.53
CA GLY B 326 -8.36 -31.22 -18.56
C GLY B 326 -9.01 -30.51 -17.40
N LYS B 327 -9.30 -29.23 -17.60
CA LYS B 327 -9.74 -28.35 -16.53
C LYS B 327 -11.14 -27.80 -16.79
N HIS B 328 -11.88 -28.33 -17.76
CA HIS B 328 -13.29 -27.96 -17.96
C HIS B 328 -14.17 -28.73 -16.98
N GLN B 329 -15.34 -28.14 -16.67
CA GLN B 329 -16.35 -28.54 -15.68
C GLN B 329 -15.97 -28.05 -14.29
N SER B 330 -16.98 -27.58 -13.56
CA SER B 330 -16.73 -27.11 -12.19
C SER B 330 -18.01 -27.07 -11.38
N GLU B 331 -17.81 -27.01 -10.06
CA GLU B 331 -18.89 -26.83 -9.11
C GLU B 331 -18.28 -26.09 -7.91
N MET B 332 -19.07 -25.30 -7.17
CA MET B 332 -18.49 -24.48 -6.11
C MET B 332 -19.27 -24.58 -4.81
N VAL B 333 -18.55 -24.39 -3.71
CA VAL B 333 -19.11 -24.26 -2.36
C VAL B 333 -18.39 -23.11 -1.67
N GLN B 334 -19.15 -22.12 -1.19
CA GLN B 334 -18.51 -21.06 -0.43
C GLN B 334 -18.01 -21.60 0.91
N LEU B 335 -16.79 -21.18 1.30
CA LEU B 335 -16.21 -21.61 2.57
C LEU B 335 -16.38 -20.60 3.69
N ASP B 336 -16.15 -19.32 3.41
CA ASP B 336 -16.36 -18.25 4.38
C ASP B 336 -16.56 -16.96 3.58
N LYS B 337 -16.47 -15.83 4.27
CA LYS B 337 -16.76 -14.55 3.61
C LYS B 337 -15.85 -14.34 2.40
N ASN B 338 -14.60 -14.82 2.45
CA ASN B 338 -13.63 -14.57 1.40
C ASN B 338 -13.30 -15.75 0.50
N ARG B 339 -13.48 -16.98 0.95
CA ARG B 339 -12.93 -18.11 0.25
C ARG B 339 -14.01 -18.99 -0.34
N ILE B 340 -13.70 -19.56 -1.50
CA ILE B 340 -14.61 -20.42 -2.25
C ILE B 340 -13.86 -21.69 -2.62
N LEU B 341 -14.49 -22.84 -2.38
CA LEU B 341 -13.97 -24.14 -2.80
C LEU B 341 -14.55 -24.49 -4.16
N ILE B 342 -13.69 -24.87 -5.10
CA ILE B 342 -14.11 -25.21 -6.44
C ILE B 342 -13.60 -26.60 -6.79
N SER B 343 -14.50 -27.49 -7.21
CA SER B 343 -14.11 -28.73 -7.87
C SER B 343 -14.08 -28.45 -9.36
N LEU B 344 -12.99 -28.84 -10.04
CA LEU B 344 -12.87 -28.56 -11.48
C LEU B 344 -12.12 -29.66 -12.22
N GLY B 345 -12.43 -29.81 -13.50
CA GLY B 345 -11.67 -30.67 -14.40
C GLY B 345 -12.21 -32.07 -14.52
N GLN B 346 -11.48 -32.82 -15.35
CA GLN B 346 -11.80 -34.20 -15.70
C GLN B 346 -10.52 -35.03 -15.75
N HIS B 347 -10.67 -36.31 -15.39
CA HIS B 347 -9.60 -37.33 -15.37
C HIS B 347 -8.85 -37.29 -14.04
N LYS B 348 -8.55 -38.46 -13.50
CA LYS B 348 -7.89 -38.54 -12.19
C LYS B 348 -6.58 -37.76 -12.12
N ASN B 349 -5.87 -37.59 -13.23
CA ASN B 349 -4.61 -36.85 -13.15
C ASN B 349 -4.78 -35.36 -13.30
N HIS B 350 -6.00 -34.88 -13.53
CA HIS B 350 -6.25 -33.48 -13.90
C HIS B 350 -7.28 -32.79 -13.02
N ARG B 351 -8.27 -33.53 -12.56
CA ARG B 351 -9.33 -32.90 -11.79
C ARG B 351 -8.81 -32.48 -10.42
N ARG B 352 -9.29 -31.33 -9.92
CA ARG B 352 -8.74 -30.76 -8.69
C ARG B 352 -9.83 -30.12 -7.85
N LEU B 353 -9.60 -30.06 -6.54
CA LEU B 353 -10.35 -29.19 -5.62
C LEU B 353 -9.40 -28.04 -5.29
N VAL B 354 -9.86 -26.81 -5.49
CA VAL B 354 -9.04 -25.60 -5.38
C VAL B 354 -9.77 -24.58 -4.52
N ILE B 355 -9.06 -23.90 -3.64
CA ILE B 355 -9.63 -22.80 -2.85
C ILE B 355 -9.16 -21.49 -3.44
N VAL B 356 -10.11 -20.56 -3.64
N VAL B 356 -10.11 -20.61 -3.76
CA VAL B 356 -9.89 -19.28 -4.30
CA VAL B 356 -9.77 -19.29 -4.24
C VAL B 356 -10.44 -18.18 -3.42
C VAL B 356 -10.28 -18.26 -3.25
N ASP B 357 -9.70 -17.07 -3.31
CA ASP B 357 -10.09 -15.96 -2.46
C ASP B 357 -10.69 -14.85 -3.31
N ARG B 358 -11.87 -14.37 -2.90
CA ARG B 358 -12.54 -13.33 -3.69
C ARG B 358 -11.73 -12.04 -3.74
N ARG B 359 -10.86 -11.79 -2.76
CA ARG B 359 -10.04 -10.59 -2.83
C ARG B 359 -9.00 -10.70 -3.94
N TRP B 360 -8.56 -11.93 -4.23
CA TRP B 360 -7.70 -12.16 -5.37
C TRP B 360 -8.49 -11.97 -6.66
N VAL B 361 -9.74 -12.42 -6.71
CA VAL B 361 -10.58 -12.19 -7.89
C VAL B 361 -10.70 -10.71 -8.21
N GLY B 362 -10.81 -9.87 -7.18
CA GLY B 362 -10.99 -8.45 -7.33
C GLY B 362 -9.72 -7.62 -7.44
N ALA B 363 -8.56 -8.26 -7.49
CA ALA B 363 -7.31 -7.52 -7.57
C ALA B 363 -7.20 -6.79 -8.92
N LYS B 364 -6.42 -5.71 -8.90
CA LYS B 364 -6.28 -4.84 -10.06
C LYS B 364 -4.91 -4.91 -10.71
N THR B 365 -4.02 -5.73 -10.18
CA THR B 365 -2.66 -5.82 -10.71
C THR B 365 -2.20 -7.27 -10.73
N ARG B 366 -1.23 -7.54 -11.60
CA ARG B 366 -0.53 -8.81 -11.61
C ARG B 366 0.82 -8.59 -12.30
N ALA B 367 1.82 -9.37 -11.89
CA ALA B 367 3.13 -9.29 -12.53
C ALA B 367 3.73 -10.69 -12.62
N THR B 368 4.68 -10.85 -13.54
CA THR B 368 5.24 -12.16 -13.81
C THR B 368 6.65 -11.99 -14.39
N GLN B 369 7.45 -13.04 -14.25
CA GLN B 369 8.74 -13.13 -14.89
C GLN B 369 8.82 -14.53 -15.46
N THR B 370 9.10 -14.66 -16.76
CA THR B 370 8.91 -15.95 -17.42
C THR B 370 9.76 -17.05 -16.79
N GLY B 371 11.01 -16.75 -16.46
CA GLY B 371 11.89 -17.78 -15.94
C GLY B 371 11.42 -18.33 -14.61
N LYS B 372 10.80 -17.49 -13.78
CA LYS B 372 10.32 -17.93 -12.49
C LYS B 372 8.94 -18.53 -12.56
N ASP B 373 8.10 -18.06 -13.47
CA ASP B 373 6.66 -18.27 -13.34
C ASP B 373 6.08 -19.11 -14.47
N LEU B 374 6.93 -19.65 -15.34
CA LEU B 374 6.44 -20.32 -16.53
C LEU B 374 5.47 -21.45 -16.22
N ASP B 375 5.81 -22.31 -15.27
CA ASP B 375 5.02 -23.52 -15.06
C ASP B 375 3.64 -23.19 -14.51
N SER B 376 3.54 -22.17 -13.68
CA SER B 376 2.29 -21.88 -13.03
C SER B 376 1.42 -20.94 -13.84
N GLN B 377 2.03 -20.04 -14.61
CA GLN B 377 1.27 -18.91 -15.14
C GLN B 377 1.27 -18.80 -16.66
N TRP B 378 2.09 -19.55 -17.39
CA TRP B 378 2.28 -19.28 -18.81
C TRP B 378 1.74 -20.41 -19.68
N THR B 379 0.89 -20.04 -20.62
CA THR B 379 0.45 -20.99 -21.63
C THR B 379 1.36 -20.83 -22.84
N ILE B 380 2.09 -21.90 -23.15
CA ILE B 380 3.09 -21.93 -24.21
C ILE B 380 2.97 -23.14 -25.11
N HIS B 381 2.01 -24.03 -24.88
CA HIS B 381 2.03 -25.30 -25.59
C HIS B 381 1.70 -25.15 -27.07
N THR B 382 2.43 -25.91 -27.89
CA THR B 382 1.98 -26.22 -29.24
C THR B 382 1.55 -27.68 -29.29
N TYR B 383 0.98 -28.10 -30.43
CA TYR B 383 0.39 -29.42 -30.54
C TYR B 383 1.10 -30.20 -31.62
N ILE B 384 1.29 -31.50 -31.35
CA ILE B 384 1.66 -32.47 -32.37
C ILE B 384 0.34 -32.87 -33.02
N PRO B 385 0.07 -32.46 -34.27
CA PRO B 385 -1.29 -32.60 -34.82
C PRO B 385 -1.59 -34.00 -35.33
N GLN B 386 -1.51 -34.99 -34.44
CA GLN B 386 -1.90 -36.36 -34.74
C GLN B 386 -2.88 -36.75 -33.65
N LYS B 387 -4.11 -37.08 -34.03
CA LYS B 387 -5.11 -37.39 -33.03
C LYS B 387 -4.72 -38.67 -32.29
N LYS B 388 -4.79 -38.62 -30.96
CA LYS B 388 -4.40 -39.73 -30.10
C LYS B 388 -5.39 -39.83 -28.96
N GLY B 389 -5.43 -41.00 -28.32
CA GLY B 389 -6.38 -41.17 -27.22
C GLY B 389 -7.80 -40.93 -27.70
N HIS B 390 -8.56 -40.21 -26.90
CA HIS B 390 -9.92 -39.85 -27.25
C HIS B 390 -9.95 -38.36 -27.54
N CYS B 391 -9.96 -38.01 -28.83
CA CYS B 391 -10.10 -36.61 -29.24
C CYS B 391 -9.02 -35.70 -28.67
N SER B 392 -7.77 -36.18 -28.61
CA SER B 392 -6.70 -35.40 -27.98
C SER B 392 -5.50 -35.26 -28.91
N TYR B 393 -4.72 -34.23 -28.66
CA TYR B 393 -3.38 -34.15 -29.25
C TYR B 393 -2.36 -34.19 -28.11
N ASN B 394 -1.24 -34.86 -28.36
CA ASN B 394 -0.04 -34.63 -27.57
C ASN B 394 0.54 -33.25 -27.88
N ARG B 395 1.36 -32.73 -26.94
CA ARG B 395 1.86 -31.37 -27.02
C ARG B 395 3.38 -31.35 -26.92
N LYS B 396 3.94 -30.17 -27.18
CA LYS B 396 5.30 -29.82 -26.79
C LYS B 396 5.27 -28.40 -26.25
N PRO B 397 6.21 -28.02 -25.39
CA PRO B 397 6.39 -26.60 -25.10
C PRO B 397 6.84 -25.89 -26.38
N SER B 398 6.17 -24.80 -26.73
CA SER B 398 6.54 -24.13 -27.99
C SER B 398 7.65 -23.11 -27.83
N ALA B 399 8.09 -22.87 -26.60
CA ALA B 399 9.11 -21.88 -26.30
C ALA B 399 9.88 -22.42 -25.09
N GLU B 400 11.15 -22.07 -24.99
CA GLU B 400 11.97 -22.58 -23.90
C GLU B 400 12.74 -21.46 -23.23
N LEU B 401 13.06 -21.69 -21.98
CA LEU B 401 13.83 -20.72 -21.21
C LEU B 401 15.30 -20.82 -21.55
N VAL B 402 15.95 -19.66 -21.66
CA VAL B 402 17.39 -19.57 -21.91
C VAL B 402 17.99 -18.52 -20.99
N GLN B 403 19.31 -18.52 -20.88
N GLN B 403 19.31 -18.53 -20.90
CA GLN B 403 19.99 -17.58 -20.02
CA GLN B 403 20.02 -17.56 -20.09
C GLN B 403 19.83 -16.15 -20.55
C GLN B 403 19.75 -16.15 -20.59
N ASP B 404 19.57 -15.22 -19.64
CA ASP B 404 19.52 -13.80 -20.00
C ASP B 404 20.86 -13.40 -20.62
N PRO B 405 20.89 -12.89 -21.86
CA PRO B 405 22.18 -12.48 -22.46
C PRO B 405 22.91 -11.41 -21.68
N SER B 406 22.22 -10.65 -20.83
CA SER B 406 22.88 -9.67 -19.98
C SER B 406 23.76 -10.30 -18.92
N GLY B 407 23.67 -11.62 -18.74
CA GLY B 407 24.39 -12.30 -17.68
C GLY B 407 23.51 -12.55 -16.47
N GLY B 408 24.11 -13.14 -15.46
CA GLY B 408 23.40 -13.46 -14.23
C GLY B 408 22.60 -14.76 -14.32
N THR B 409 21.77 -14.97 -13.30
CA THR B 409 21.02 -16.22 -13.20
C THR B 409 19.63 -16.16 -13.83
N LYS B 410 19.17 -14.98 -14.25
CA LYS B 410 17.83 -14.86 -14.82
C LYS B 410 17.68 -15.73 -16.06
N LYS B 411 16.52 -16.38 -16.16
CA LYS B 411 16.15 -17.12 -17.35
C LYS B 411 14.98 -16.40 -18.00
N VAL B 412 14.97 -16.40 -19.34
CA VAL B 412 13.97 -15.67 -20.11
C VAL B 412 13.49 -16.57 -21.24
N LEU B 413 12.33 -16.25 -21.81
CA LEU B 413 11.64 -17.16 -22.71
C LEU B 413 11.94 -16.81 -24.16
N GLN B 414 12.43 -17.80 -24.91
CA GLN B 414 12.75 -17.58 -26.33
C GLN B 414 11.56 -18.00 -27.19
N ILE B 415 11.02 -17.06 -27.95
CA ILE B 415 9.85 -17.27 -28.79
C ILE B 415 10.27 -17.12 -30.25
N LYS B 416 10.10 -18.20 -31.02
CA LYS B 416 10.64 -18.26 -32.37
C LYS B 416 9.82 -19.22 -33.23
N ARG B 417 10.06 -19.15 -34.55
CA ARG B 417 9.54 -20.15 -35.46
C ARG B 417 10.40 -21.41 -35.35
N LEU B 418 9.77 -22.52 -35.02
CA LEU B 418 10.47 -23.77 -34.74
C LEU B 418 10.75 -24.57 -36.00
N ASP B 419 11.85 -25.31 -35.97
CA ASP B 419 12.18 -26.26 -37.03
C ASP B 419 11.80 -27.62 -36.47
N ASP B 420 10.52 -27.99 -36.62
CA ASP B 420 10.01 -29.24 -36.05
C ASP B 420 8.91 -29.80 -36.93
N PRO B 421 9.24 -30.71 -37.84
CA PRO B 421 8.23 -31.25 -38.75
C PRO B 421 7.12 -32.01 -38.02
N GLU B 422 7.35 -32.43 -36.78
CA GLU B 422 6.31 -33.15 -36.05
C GLU B 422 5.12 -32.27 -35.72
N LEU B 423 5.25 -30.94 -35.88
CA LEU B 423 4.19 -30.00 -35.58
C LEU B 423 3.34 -29.70 -36.80
N VAL B 424 3.50 -30.48 -37.86
CA VAL B 424 2.78 -30.30 -39.12
C VAL B 424 1.96 -31.55 -39.44
N ASN B 425 0.75 -31.35 -39.93
CA ASN B 425 -0.05 -32.42 -40.52
C ASN B 425 -0.53 -31.92 -41.88
N GLU B 426 -0.03 -32.53 -42.95
CA GLU B 426 -0.36 -32.04 -44.28
C GLU B 426 -1.76 -32.41 -44.72
N LYS B 427 -2.31 -33.51 -44.24
CA LYS B 427 -3.66 -33.88 -44.63
C LYS B 427 -4.70 -33.02 -43.91
N SER B 428 -4.52 -32.81 -42.62
N SER B 428 -4.52 -32.84 -42.60
CA SER B 428 -5.45 -31.91 -41.94
CA SER B 428 -5.38 -31.92 -41.86
C SER B 428 -5.06 -30.45 -42.11
C SER B 428 -5.12 -30.48 -42.26
N ASN B 429 -3.91 -30.20 -42.75
CA ASN B 429 -3.52 -28.87 -43.20
C ASN B 429 -3.34 -27.89 -42.05
N VAL B 430 -2.55 -28.27 -41.08
CA VAL B 430 -2.19 -27.39 -39.97
C VAL B 430 -0.69 -27.45 -39.74
N ASP B 431 -0.14 -26.34 -39.27
CA ASP B 431 1.29 -26.18 -39.05
C ASP B 431 1.44 -25.33 -37.81
N TYR B 432 1.83 -25.97 -36.71
CA TYR B 432 1.88 -25.31 -35.41
C TYR B 432 3.31 -24.96 -35.00
N ARG B 433 4.17 -24.65 -35.97
CA ARG B 433 5.57 -24.39 -35.68
C ARG B 433 5.86 -22.97 -35.18
N ASN B 434 4.88 -22.06 -35.17
CA ASN B 434 5.16 -20.75 -34.57
C ASN B 434 5.01 -20.83 -33.06
N GLY B 435 6.13 -20.74 -32.34
CA GLY B 435 6.07 -20.67 -30.90
C GLY B 435 5.48 -19.36 -30.40
N GLY B 436 4.97 -19.41 -29.17
CA GLY B 436 4.26 -18.28 -28.60
C GLY B 436 4.02 -18.49 -27.13
N ALA B 437 3.30 -17.54 -26.53
CA ALA B 437 3.14 -17.53 -25.08
C ALA B 437 2.01 -16.57 -24.73
N THR B 438 1.20 -16.94 -23.73
CA THR B 438 0.13 -16.04 -23.31
C THR B 438 -0.06 -16.10 -21.80
N TRP B 439 -0.51 -14.97 -21.26
CA TRP B 439 -0.55 -14.75 -19.82
C TRP B 439 -1.77 -13.93 -19.44
N ASN B 440 -2.44 -14.34 -18.37
CA ASN B 440 -3.69 -13.74 -17.90
C ASN B 440 -3.45 -12.59 -16.94
N PHE B 441 -4.39 -11.65 -16.91
CA PHE B 441 -4.39 -10.62 -15.87
C PHE B 441 -5.83 -10.21 -15.62
N PRO B 442 -6.12 -9.60 -14.47
CA PRO B 442 -7.51 -9.23 -14.17
C PRO B 442 -8.09 -8.34 -15.24
N ASN B 443 -9.38 -8.57 -15.55
CA ASN B 443 -10.05 -7.87 -16.64
C ASN B 443 -10.05 -6.37 -16.42
N GLY B 444 -9.85 -5.63 -17.51
CA GLY B 444 -10.07 -4.19 -17.48
C GLY B 444 -10.48 -3.64 -18.82
N THR B 445 -11.47 -2.73 -18.82
CA THR B 445 -11.75 -1.97 -20.03
C THR B 445 -10.78 -0.83 -20.20
N THR B 446 -10.04 -0.47 -19.15
CA THR B 446 -8.88 0.40 -19.23
C THR B 446 -7.73 -0.28 -18.50
N GLY B 447 -6.51 0.00 -18.92
CA GLY B 447 -5.41 -0.62 -18.21
C GLY B 447 -4.08 -0.26 -18.82
N LEU B 448 -3.02 -0.72 -18.16
CA LEU B 448 -1.65 -0.49 -18.59
C LEU B 448 -0.91 -1.80 -18.43
N VAL B 449 -0.40 -2.34 -19.55
CA VAL B 449 0.41 -3.55 -19.53
C VAL B 449 1.80 -3.19 -20.05
N LYS B 450 2.84 -3.67 -19.37
CA LYS B 450 4.22 -3.43 -19.78
C LYS B 450 4.94 -4.77 -19.90
N PHE B 451 5.76 -4.91 -20.93
CA PHE B 451 6.54 -6.14 -21.08
C PHE B 451 7.94 -5.77 -21.58
N ARG B 452 8.90 -6.64 -21.25
CA ARG B 452 10.30 -6.44 -21.56
C ARG B 452 10.76 -7.55 -22.50
N PHE B 453 11.39 -7.17 -23.61
CA PHE B 453 11.77 -8.12 -24.66
C PHE B 453 13.12 -7.72 -25.24
N ARG B 454 13.71 -8.66 -25.98
CA ARG B 454 15.00 -8.44 -26.60
C ARG B 454 15.13 -9.34 -27.83
N VAL B 455 15.75 -8.82 -28.88
CA VAL B 455 15.98 -9.61 -30.08
C VAL B 455 17.10 -10.61 -29.82
N VAL B 456 16.87 -11.88 -30.15
CA VAL B 456 17.93 -12.88 -30.03
C VAL B 456 19.01 -12.61 -31.07
N ASP B 457 20.29 -12.71 -30.66
CA ASP B 457 21.45 -12.59 -31.53
C ASP B 457 21.60 -13.87 -32.33
N GLY B 458 20.93 -13.92 -33.48
CA GLY B 458 20.94 -15.08 -34.34
C GLY B 458 20.29 -14.74 -35.66
N GLU B 459 20.37 -15.67 -36.61
CA GLU B 459 19.78 -15.44 -37.91
C GLU B 459 18.27 -15.34 -37.84
N GLN B 460 17.70 -14.42 -38.61
CA GLN B 460 16.25 -14.20 -38.67
C GLN B 460 15.76 -14.32 -40.10
N ALA B 461 14.47 -14.61 -40.23
CA ALA B 461 13.78 -14.63 -41.51
C ALA B 461 13.21 -13.26 -41.82
N ASP B 462 12.82 -13.05 -43.08
CA ASP B 462 12.37 -11.73 -43.50
C ASP B 462 11.11 -11.32 -42.75
N ASP B 463 10.30 -12.28 -42.34
CA ASP B 463 9.05 -12.00 -41.62
C ASP B 463 9.15 -12.31 -40.13
N SER B 464 10.36 -12.47 -39.59
CA SER B 464 10.52 -12.80 -38.18
C SER B 464 10.11 -11.65 -37.26
N GLY B 465 9.68 -12.00 -36.07
CA GLY B 465 9.16 -10.99 -35.15
C GLY B 465 8.14 -11.58 -34.21
N LEU B 466 7.32 -10.69 -33.65
CA LEU B 466 6.36 -11.10 -32.63
C LEU B 466 5.08 -10.32 -32.85
N GLN B 467 3.96 -11.03 -32.96
CA GLN B 467 2.66 -10.38 -32.98
C GLN B 467 2.14 -10.31 -31.55
N VAL B 468 1.83 -9.11 -31.09
CA VAL B 468 1.47 -8.86 -29.69
C VAL B 468 0.01 -8.45 -29.66
N SER B 469 -0.80 -9.17 -28.86
CA SER B 469 -2.24 -8.94 -28.86
C SER B 469 -2.76 -8.87 -27.43
N LEU B 470 -3.72 -7.97 -27.22
CA LEU B 470 -4.53 -7.99 -26.00
C LEU B 470 -5.85 -8.66 -26.37
N THR B 471 -6.23 -9.67 -25.60
CA THR B 471 -7.42 -10.46 -25.90
C THR B 471 -8.33 -10.56 -24.68
N ASP B 472 -9.55 -11.06 -24.93
CA ASP B 472 -10.54 -11.24 -23.88
C ASP B 472 -10.79 -12.71 -23.56
N ARG B 473 -9.99 -13.62 -24.09
CA ARG B 473 -9.94 -15.00 -23.59
C ARG B 473 -8.59 -15.58 -23.98
N LEU B 474 -8.34 -16.80 -23.52
CA LEU B 474 -7.05 -17.45 -23.73
C LEU B 474 -7.00 -18.06 -25.12
N PHE B 475 -6.13 -17.53 -25.98
CA PHE B 475 -5.86 -18.09 -27.29
C PHE B 475 -4.61 -18.96 -27.21
N ASN B 476 -4.62 -20.11 -27.91
CA ASN B 476 -3.45 -20.98 -27.87
C ASN B 476 -2.20 -20.22 -28.30
N ALA B 477 -1.08 -20.62 -27.66
CA ALA B 477 0.23 -20.01 -27.89
C ALA B 477 0.65 -20.10 -29.36
N CYS B 478 0.20 -21.14 -30.05
CA CYS B 478 0.58 -21.39 -31.42
C CYS B 478 -0.47 -20.93 -32.42
N ASP B 479 -1.48 -20.16 -31.98
CA ASP B 479 -2.59 -19.73 -32.84
C ASP B 479 -2.25 -18.38 -33.49
N SER B 480 -1.88 -18.43 -34.77
N SER B 480 -1.87 -18.43 -34.76
CA SER B 480 -1.48 -17.23 -35.50
CA SER B 480 -1.48 -17.22 -35.48
C SER B 480 -2.66 -16.34 -35.85
C SER B 480 -2.66 -16.35 -35.88
N THR B 481 -3.89 -16.82 -35.68
CA THR B 481 -5.07 -16.01 -35.99
C THR B 481 -5.50 -15.13 -34.83
N THR B 482 -4.81 -15.22 -33.69
CA THR B 482 -5.23 -14.46 -32.51
C THR B 482 -5.41 -12.99 -32.83
N LYS B 483 -4.50 -12.42 -33.61
CA LYS B 483 -4.55 -11.01 -33.96
C LYS B 483 -5.88 -10.64 -34.59
N ASP B 484 -6.52 -11.57 -35.31
CA ASP B 484 -7.77 -11.28 -36.02
C ASP B 484 -8.96 -11.11 -35.08
N TYR B 485 -8.85 -11.65 -33.86
CA TYR B 485 -9.86 -11.58 -32.82
C TYR B 485 -9.48 -10.63 -31.69
N ALA B 486 -8.28 -10.07 -31.72
CA ALA B 486 -7.76 -9.32 -30.60
C ALA B 486 -8.48 -7.98 -30.43
N LEU B 487 -8.54 -7.51 -29.17
N LEU B 487 -8.51 -7.51 -29.18
CA LEU B 487 -8.97 -6.13 -28.93
CA LEU B 487 -8.96 -6.16 -28.89
C LEU B 487 -7.99 -5.15 -29.53
C LEU B 487 -7.99 -5.14 -29.48
N PHE B 488 -6.69 -5.36 -29.29
CA PHE B 488 -5.62 -4.55 -29.86
C PHE B 488 -4.51 -5.50 -30.26
N THR B 489 -3.82 -5.18 -31.35
CA THR B 489 -2.74 -6.05 -31.81
C THR B 489 -1.76 -5.24 -32.65
N PHE B 490 -0.49 -5.66 -32.63
CA PHE B 490 0.50 -5.03 -33.50
C PHE B 490 1.71 -5.95 -33.61
N PRO B 491 2.51 -5.80 -34.67
CA PRO B 491 3.73 -6.60 -34.79
C PRO B 491 5.01 -5.86 -34.42
N ILE B 492 5.92 -6.60 -33.79
CA ILE B 492 7.33 -6.26 -33.70
C ILE B 492 7.99 -6.98 -34.87
N ARG B 493 8.59 -6.24 -35.78
CA ARG B 493 9.23 -6.81 -36.95
C ARG B 493 10.74 -6.72 -36.80
N LEU B 494 11.45 -7.80 -37.19
CA LEU B 494 12.90 -7.81 -37.05
C LEU B 494 13.63 -7.38 -38.31
N LYS B 495 12.98 -7.40 -39.47
CA LYS B 495 13.64 -7.08 -40.71
C LYS B 495 12.83 -6.04 -41.46
N PRO B 496 13.47 -5.23 -42.31
CA PRO B 496 14.90 -5.20 -42.62
C PRO B 496 15.77 -4.82 -41.41
N ALA B 497 15.21 -4.03 -40.51
CA ALA B 497 15.82 -3.69 -39.22
C ALA B 497 14.71 -3.73 -38.20
N PRO B 498 15.03 -3.93 -36.92
CA PRO B 498 13.98 -4.09 -35.91
C PRO B 498 13.15 -2.83 -35.74
N HIS B 499 11.83 -3.00 -35.74
CA HIS B 499 10.93 -1.87 -35.57
C HIS B 499 9.57 -2.38 -35.13
N LEU B 500 8.83 -1.52 -34.44
CA LEU B 500 7.41 -1.72 -34.23
C LEU B 500 6.67 -1.15 -35.44
N LEU B 501 5.54 -1.74 -35.77
CA LEU B 501 4.64 -1.17 -36.76
C LEU B 501 3.35 -0.80 -36.02
N LEU B 502 3.08 0.49 -35.93
CA LEU B 502 1.92 0.99 -35.20
C LEU B 502 1.06 1.73 -36.22
N GLY B 503 0.10 1.02 -36.80
CA GLY B 503 -0.67 1.57 -37.89
C GLY B 503 0.20 1.61 -39.12
N MET B 504 0.52 2.81 -39.59
CA MET B 504 1.50 2.96 -40.65
C MET B 504 2.86 3.41 -40.13
N LYS B 505 2.99 3.67 -38.84
CA LYS B 505 4.22 4.24 -38.30
C LYS B 505 5.21 3.14 -37.92
N LYS B 506 6.42 3.22 -38.47
CA LYS B 506 7.51 2.34 -38.10
C LYS B 506 8.31 3.02 -36.98
N VAL B 507 8.54 2.29 -35.90
CA VAL B 507 9.27 2.81 -34.75
C VAL B 507 10.50 1.93 -34.54
N PRO B 508 11.68 2.40 -34.94
CA PRO B 508 12.87 1.56 -34.81
C PRO B 508 13.25 1.35 -33.35
N PHE B 509 13.93 0.23 -33.10
CA PHE B 509 14.54 -0.01 -31.79
C PHE B 509 15.81 -0.84 -32.00
N THR B 510 16.67 -0.84 -30.98
CA THR B 510 17.97 -1.45 -31.19
C THR B 510 17.94 -2.96 -30.93
N PRO B 511 18.70 -3.72 -31.71
CA PRO B 511 18.98 -5.12 -31.33
C PRO B 511 19.95 -5.15 -30.15
N GLY B 512 20.14 -6.35 -29.60
CA GLY B 512 21.18 -6.50 -28.60
C GLY B 512 20.95 -5.74 -27.30
N ALA B 513 19.71 -5.42 -26.96
CA ALA B 513 19.41 -4.74 -25.71
C ALA B 513 17.98 -5.03 -25.32
N TRP B 514 17.72 -5.00 -24.02
CA TRP B 514 16.37 -5.13 -23.51
C TRP B 514 15.58 -3.84 -23.74
N HIS B 515 14.31 -3.99 -24.10
CA HIS B 515 13.40 -2.87 -24.28
C HIS B 515 12.09 -3.15 -23.57
N GLU B 516 11.41 -2.09 -23.16
CA GLU B 516 10.10 -2.19 -22.53
C GLU B 516 9.07 -1.54 -23.43
N ILE B 517 7.98 -2.24 -23.67
CA ILE B 517 6.83 -1.67 -24.36
C ILE B 517 5.70 -1.57 -23.36
N SER B 518 5.01 -0.43 -23.38
CA SER B 518 3.82 -0.19 -22.59
C SER B 518 2.62 -0.08 -23.52
N LEU B 519 1.50 -0.67 -23.12
CA LEU B 519 0.24 -0.55 -23.82
C LEU B 519 -0.77 0.02 -22.82
N LEU B 520 -1.22 1.26 -23.04
CA LEU B 520 -2.19 1.92 -22.17
C LEU B 520 -3.48 2.01 -22.97
N TRP B 521 -4.47 1.20 -22.63
CA TRP B 521 -5.72 1.17 -23.38
C TRP B 521 -6.88 1.82 -22.62
N GLN B 522 -7.74 2.48 -23.37
CA GLN B 522 -8.95 3.09 -22.84
C GLN B 522 -9.93 3.16 -24.00
N GLY B 523 -11.13 2.63 -23.78
CA GLY B 523 -12.14 2.64 -24.82
C GLY B 523 -11.64 1.95 -26.07
N GLY B 524 -11.59 2.69 -27.17
CA GLY B 524 -11.24 2.10 -28.45
C GLY B 524 -9.86 2.46 -28.96
N GLN B 525 -8.95 2.85 -28.07
CA GLN B 525 -7.60 3.21 -28.47
C GLN B 525 -6.60 2.72 -27.43
N ALA B 526 -5.40 2.41 -27.90
CA ALA B 526 -4.29 2.06 -27.03
C ALA B 526 -3.08 2.91 -27.40
N VAL B 527 -2.48 3.54 -26.41
CA VAL B 527 -1.23 4.27 -26.60
C VAL B 527 -0.06 3.34 -26.33
N VAL B 528 0.87 3.26 -27.27
CA VAL B 528 2.02 2.37 -27.18
C VAL B 528 3.26 3.21 -26.90
N SER B 529 4.00 2.82 -25.87
CA SER B 529 5.26 3.49 -25.55
C SER B 529 6.40 2.50 -25.64
N LEU B 530 7.57 3.02 -26.00
CA LEU B 530 8.79 2.24 -26.09
C LEU B 530 9.83 2.88 -25.18
N ASP B 531 10.32 2.11 -24.22
CA ASP B 531 11.31 2.61 -23.26
C ASP B 531 10.88 3.93 -22.62
N GLY B 532 9.58 4.04 -22.33
CA GLY B 532 9.02 5.17 -21.64
C GLY B 532 8.67 6.36 -22.50
N LYS B 533 8.88 6.28 -23.81
CA LYS B 533 8.56 7.38 -24.71
C LYS B 533 7.39 6.95 -25.60
N LYS B 534 6.36 7.80 -25.69
CA LYS B 534 5.23 7.47 -26.54
C LYS B 534 5.71 7.20 -27.96
N ALA B 535 5.26 6.08 -28.53
CA ALA B 535 5.67 5.64 -29.86
C ALA B 535 4.56 5.72 -30.90
N GLY B 536 3.31 5.54 -30.49
CA GLY B 536 2.22 5.55 -31.44
C GLY B 536 0.94 5.12 -30.75
N THR B 537 -0.09 4.94 -31.57
CA THR B 537 -1.41 4.55 -31.10
C THR B 537 -1.90 3.37 -31.91
N LEU B 538 -2.87 2.66 -31.35
CA LEU B 538 -3.54 1.57 -32.04
C LEU B 538 -5.04 1.76 -31.90
N LYS B 539 -5.76 1.59 -33.00
CA LYS B 539 -7.22 1.55 -32.93
C LYS B 539 -7.67 0.15 -32.55
N MET B 540 -8.72 0.07 -31.74
CA MET B 540 -9.29 -1.20 -31.37
C MET B 540 -9.65 -2.02 -32.61
N ALA B 541 -9.18 -3.27 -32.65
CA ALA B 541 -9.49 -4.14 -33.78
C ALA B 541 -10.83 -4.83 -33.62
N ASN B 542 -11.20 -5.18 -32.39
CA ASN B 542 -12.47 -5.84 -32.11
C ASN B 542 -12.96 -5.32 -30.77
N LYS B 543 -14.26 -5.06 -30.69
CA LYS B 543 -14.87 -4.73 -29.41
C LYS B 543 -14.95 -5.97 -28.52
N SER B 544 -15.08 -5.73 -27.22
CA SER B 544 -15.26 -6.80 -26.25
C SER B 544 -16.43 -6.46 -25.34
N PRO B 545 -17.22 -7.45 -24.94
CA PRO B 545 -18.24 -7.18 -23.92
C PRO B 545 -17.64 -6.97 -22.55
N ASN B 546 -16.38 -7.39 -22.34
CA ASN B 546 -15.78 -7.42 -21.01
C ASN B 546 -14.58 -6.52 -20.85
N GLY B 547 -13.61 -6.60 -21.76
CA GLY B 547 -12.35 -5.89 -21.68
C GLY B 547 -11.23 -6.86 -21.89
N ALA B 548 -10.00 -6.39 -21.64
CA ALA B 548 -8.82 -7.21 -21.87
C ALA B 548 -8.44 -7.97 -20.59
N SER B 549 -8.08 -9.25 -20.77
CA SER B 549 -7.60 -10.04 -19.65
C SER B 549 -6.47 -10.98 -20.06
N TYR B 550 -5.95 -10.86 -21.28
CA TYR B 550 -4.80 -11.64 -21.70
C TYR B 550 -3.90 -10.78 -22.56
N ILE B 551 -2.60 -11.04 -22.48
CA ILE B 551 -1.66 -10.63 -23.51
C ILE B 551 -1.09 -11.88 -24.15
N HIS B 552 -1.01 -11.84 -25.47
CA HIS B 552 -0.64 -12.99 -26.29
C HIS B 552 0.51 -12.57 -27.19
N PHE B 553 1.58 -13.37 -27.19
CA PHE B 553 2.77 -13.12 -27.99
C PHE B 553 2.99 -14.33 -28.89
N ILE B 554 3.08 -14.11 -30.20
CA ILE B 554 3.38 -15.25 -31.07
C ILE B 554 4.40 -14.85 -32.11
N SER B 555 5.35 -15.74 -32.35
CA SER B 555 6.34 -15.51 -33.39
C SER B 555 5.66 -15.38 -34.75
N THR B 556 6.31 -14.64 -35.66
CA THR B 556 5.76 -14.43 -36.99
C THR B 556 6.62 -15.00 -38.12
N GLY B 557 7.82 -15.48 -37.83
CA GLY B 557 8.65 -16.01 -38.89
C GLY B 557 8.02 -17.21 -39.58
N SER B 558 8.24 -17.34 -40.89
CA SER B 558 7.68 -18.48 -41.60
C SER B 558 8.74 -19.51 -41.97
N GLN B 559 9.98 -19.29 -41.55
CA GLN B 559 11.04 -20.28 -41.63
C GLN B 559 11.82 -20.19 -40.33
N PRO B 560 12.53 -21.25 -39.96
CA PRO B 560 13.16 -21.27 -38.63
C PRO B 560 14.04 -20.05 -38.41
N ASP B 561 13.92 -19.46 -37.22
CA ASP B 561 14.64 -18.24 -36.91
C ASP B 561 15.07 -18.25 -35.43
N ALA B 562 15.73 -17.16 -35.03
CA ALA B 562 16.17 -17.02 -33.65
C ALA B 562 15.11 -16.36 -32.77
N GLY B 563 14.32 -15.43 -33.31
CA GLY B 563 13.19 -14.90 -32.58
C GLY B 563 13.61 -13.86 -31.54
N ILE B 564 12.81 -13.83 -30.46
CA ILE B 564 12.92 -12.81 -29.43
C ILE B 564 12.89 -13.47 -28.05
N LEU B 565 13.36 -12.73 -27.06
CA LEU B 565 13.31 -13.13 -25.66
C LEU B 565 12.28 -12.27 -24.92
N LEU B 566 11.56 -12.91 -23.99
CA LEU B 566 10.54 -12.25 -23.19
C LEU B 566 10.88 -12.43 -21.71
N ASP B 567 10.96 -11.32 -20.97
CA ASP B 567 11.37 -11.35 -19.57
C ASP B 567 10.17 -11.15 -18.68
N THR B 568 9.79 -9.91 -18.34
CA THR B 568 8.70 -9.59 -17.44
C THR B 568 7.48 -9.09 -18.19
N VAL B 569 6.33 -9.26 -17.54
CA VAL B 569 5.09 -8.61 -17.93
C VAL B 569 4.44 -8.14 -16.64
N ASN B 570 3.82 -6.97 -16.68
CA ASN B 570 3.00 -6.58 -15.54
C ASN B 570 1.78 -5.85 -16.06
N ALA B 571 0.74 -5.83 -15.25
CA ALA B 571 -0.54 -5.29 -15.67
C ALA B 571 -1.19 -4.57 -14.52
N ARG B 572 -1.87 -3.46 -14.84
CA ARG B 572 -2.70 -2.72 -13.90
C ARG B 572 -3.96 -2.31 -14.64
N VAL B 573 -5.12 -2.57 -14.05
CA VAL B 573 -6.39 -2.27 -14.71
C VAL B 573 -7.21 -1.35 -13.83
N LYS B 574 -8.29 -0.82 -14.43
CA LYS B 574 -9.21 0.11 -13.79
C LYS B 574 -8.47 1.37 -13.34
N LEU B 575 -7.91 2.06 -14.33
CA LEU B 575 -7.09 3.24 -14.06
C LEU B 575 -7.93 4.46 -13.66
#